data_8K65
#
_entry.id   8K65
#
_cell.length_a   145.850
_cell.length_b   100.320
_cell.length_c   96.620
_cell.angle_alpha   90.000
_cell.angle_beta   126.760
_cell.angle_gamma   90.000
#
_symmetry.space_group_name_H-M   'C 1 2 1'
#
loop_
_entity.id
_entity.type
_entity.pdbx_description
1 polymer 'Cytochrome c oxidase subunit 1'
2 polymer 'Cytochrome c oxidase subunit 2'
3 polymer 'Cytochrome c oxidase polypeptide 2A'
4 non-polymer 'COPPER (II) ION'
5 non-polymer 'PROTOPORPHYRIN IX CONTAINING FE'
6 non-polymer HEME-AS
7 non-polymer '(2R)-2,3-dihydroxypropyl (9Z)-octadec-9-enoate'
8 non-polymer 'CARBON MONOXIDE'
9 non-polymer 'DINUCLEAR COPPER ION'
10 water water
#
loop_
_entity_poly.entity_id
_entity_poly.type
_entity_poly.pdbx_seq_one_letter_code
_entity_poly.pdbx_strand_id
1 'polypeptide(L)'
;MHHHHHHHAVRASEISRVYEAYPEKKATLYFLVLGFLALIVGSLFGPFQALNYGNVDAYPLLKRLLPFVQSYYQGLTLHG
VLNAIVFTQLFAQAIMVYLPARELNMRPNMGLMWLSWWMAFIGLVVAALPLLANEATVLYTFYPPLKGHWAFYLGASVFV
LSTWVSIYIVLDLWRRWKAANPGKVTPLVTYMAVVFWLMWFLASLGLVLEAVLFLLPWSFGLVEGVDPLVARTLFWWTGH
PIVYFWLLPAYAIIYTILPKQAGGKLVSDPMARLAFLLFLLLSTPVGFHHQFADPGIDPTWKMIHSVLTLFVAVPSLMTA
FTVAASLEFAGRLRGGRGLFGWIRALPWDNPAFVAPVLGLLGFIPGGAGGIVNASFTLDYVVHNTAWVPGHFHLQVASLV
TLTAMGSLYWLLPNLTGKPISDAQRRLGLAVVWLWFLGMMIMAVGLHWAGLLNVPRRAYIAQVPDAYPHAAVPMVFNVLA
GIVLLVALLLFIYGLFSVLLSRERKPELAEAPLPFAEVISGPEDRRLVLAMDRIGFWFAVAAILVVLAYGPTLVQLFGHL
NPVPGWRLW
;
A
2 'polypeptide(L)'
;MVDEHKAHKAILAYEKGWLAFSLAMLFVFIALIAYTLATHTAGVIPAGKLERVDPTTVRQEGPWADPAQAVVQTGPNQYT
VYVLAFAFGYQPNPIEVPQGAEIVFKITSPDVIHGFHVEGTNINVEVLPGEVSTVRYTFKRPGEYRIICNQYCGLGHQNM
FGTIVVKE
;
B
3 'polypeptide(L)' MEEKPKGALAVILVLTLTILVFWLGVYAVFFARG C
#
loop_
_chem_comp.id
_chem_comp.type
_chem_comp.name
_chem_comp.formula
CMO non-polymer 'CARBON MONOXIDE' 'C O'
CU non-polymer 'COPPER (II) ION' 'Cu 2'
CUA non-polymer 'DINUCLEAR COPPER ION' Cu2
HAS non-polymer HEME-AS 'C54 H64 Fe N4 O6'
HEM non-polymer 'PROTOPORPHYRIN IX CONTAINING FE' 'C34 H32 Fe N4 O4'
OLC non-polymer '(2R)-2,3-dihydroxypropyl (9Z)-octadec-9-enoate' 'C21 H40 O4'
#
# COMPACT_ATOMS: atom_id res chain seq x y z
N SER A 16 -33.57 3.44 -21.46
CA SER A 16 -32.55 3.70 -22.50
C SER A 16 -32.36 2.42 -23.34
N ARG A 17 -32.28 2.56 -24.66
CA ARG A 17 -32.01 1.44 -25.60
C ARG A 17 -30.55 1.05 -25.48
N VAL A 18 -29.68 1.96 -25.03
CA VAL A 18 -28.21 1.68 -24.91
C VAL A 18 -27.99 0.67 -23.78
N TYR A 19 -28.69 0.82 -22.66
CA TYR A 19 -28.56 -0.08 -21.49
C TYR A 19 -29.16 -1.46 -21.82
N GLU A 20 -30.09 -1.56 -22.78
CA GLU A 20 -30.65 -2.87 -23.24
C GLU A 20 -29.61 -3.56 -24.11
N ALA A 21 -28.85 -2.84 -24.94
CA ALA A 21 -27.76 -3.43 -25.74
C ALA A 21 -26.47 -3.62 -24.91
N TYR A 22 -26.19 -2.75 -23.94
CA TYR A 22 -24.95 -2.79 -23.11
C TYR A 22 -25.32 -2.60 -21.65
N PRO A 23 -26.02 -3.58 -21.04
CA PRO A 23 -26.37 -3.48 -19.62
C PRO A 23 -25.12 -3.43 -18.74
N GLU A 24 -23.97 -3.88 -19.23
CA GLU A 24 -22.67 -3.81 -18.51
C GLU A 24 -22.31 -2.34 -18.23
N LYS A 25 -22.80 -1.37 -19.01
CA LYS A 25 -22.54 0.06 -18.75
C LYS A 25 -23.20 0.46 -17.43
N LYS A 26 -24.45 0.01 -17.20
CA LYS A 26 -25.18 0.43 -15.97
C LYS A 26 -24.51 -0.20 -14.74
N ALA A 27 -24.17 -1.48 -14.77
CA ALA A 27 -23.53 -2.16 -13.62
C ALA A 27 -22.15 -1.52 -13.36
N THR A 28 -21.37 -1.21 -14.39
CA THR A 28 -20.03 -0.59 -14.23
C THR A 28 -20.22 0.74 -13.47
N LEU A 29 -21.23 1.50 -13.85
CA LEU A 29 -21.55 2.81 -13.28
C LEU A 29 -21.85 2.70 -11.78
N TYR A 30 -22.62 1.69 -11.37
CA TYR A 30 -22.98 1.48 -9.94
C TYR A 30 -21.71 1.16 -9.12
N PHE A 31 -20.77 0.38 -9.66
CA PHE A 31 -19.46 0.15 -8.98
C PHE A 31 -18.72 1.48 -8.80
N LEU A 32 -18.64 2.26 -9.87
CA LEU A 32 -17.79 3.48 -9.92
C LEU A 32 -18.38 4.47 -8.94
N VAL A 33 -19.71 4.65 -8.94
CA VAL A 33 -20.33 5.73 -8.13
C VAL A 33 -20.23 5.32 -6.65
N LEU A 34 -20.46 4.05 -6.31
CA LEU A 34 -20.34 3.59 -4.91
C LEU A 34 -18.87 3.79 -4.45
N GLY A 35 -17.89 3.55 -5.32
CA GLY A 35 -16.46 3.77 -5.01
C GLY A 35 -16.14 5.23 -4.69
N PHE A 36 -16.58 6.16 -5.53
CA PHE A 36 -16.32 7.60 -5.35
C PHE A 36 -17.01 8.12 -4.09
N LEU A 37 -18.19 7.60 -3.75
CA LEU A 37 -18.89 8.01 -2.51
C LEU A 37 -18.04 7.59 -1.30
N ALA A 38 -17.48 6.38 -1.31
CA ALA A 38 -16.59 5.87 -0.24
C ALA A 38 -15.36 6.76 -0.14
N LEU A 39 -14.77 7.13 -1.27
CA LEU A 39 -13.57 8.00 -1.31
C LEU A 39 -13.87 9.36 -0.63
N ILE A 40 -15.00 9.97 -0.97
CA ILE A 40 -15.44 11.27 -0.40
C ILE A 40 -15.58 11.16 1.13
N VAL A 41 -16.30 10.17 1.65
CA VAL A 41 -16.53 10.04 3.11
C VAL A 41 -15.22 9.74 3.86
N GLY A 42 -14.40 8.83 3.36
CA GLY A 42 -13.10 8.52 3.98
C GLY A 42 -12.14 9.70 3.95
N SER A 43 -12.14 10.45 2.85
CA SER A 43 -11.23 11.61 2.63
C SER A 43 -11.56 12.81 3.54
N LEU A 44 -12.81 12.98 4.00
CA LEU A 44 -13.19 14.05 4.94
C LEU A 44 -12.24 14.08 6.16
N PHE A 45 -11.81 12.92 6.65
CA PHE A 45 -10.93 12.78 7.84
C PHE A 45 -9.49 13.18 7.50
N GLY A 46 -9.10 13.14 6.24
CA GLY A 46 -7.70 13.35 5.81
C GLY A 46 -7.15 14.69 6.28
N PRO A 47 -7.81 15.82 5.92
CA PRO A 47 -7.30 17.13 6.30
C PRO A 47 -7.13 17.29 7.82
N PHE A 48 -8.01 16.70 8.63
CA PHE A 48 -7.94 16.76 10.12
C PHE A 48 -6.72 15.96 10.64
N GLN A 49 -6.41 14.84 10.01
CA GLN A 49 -5.22 14.02 10.33
C GLN A 49 -3.94 14.78 9.96
N ALA A 50 -3.91 15.46 8.83
CA ALA A 50 -2.75 16.25 8.38
C ALA A 50 -2.53 17.41 9.38
N LEU A 51 -3.60 18.09 9.81
CA LEU A 51 -3.49 19.17 10.83
C LEU A 51 -2.93 18.62 12.15
N ASN A 52 -3.41 17.46 12.57
CA ASN A 52 -2.86 16.70 13.72
C ASN A 52 -1.33 16.50 13.60
N TYR A 53 -0.85 16.05 12.45
CA TYR A 53 0.61 15.87 12.22
C TYR A 53 1.30 17.25 12.05
N GLY A 54 0.52 18.36 12.04
CA GLY A 54 1.06 19.72 12.13
C GLY A 54 0.97 20.27 13.54
N ASN A 55 0.58 19.44 14.51
CA ASN A 55 0.43 19.85 15.91
C ASN A 55 -0.78 20.77 16.12
N VAL A 56 -1.79 20.74 15.24
CA VAL A 56 -3.05 21.50 15.36
C VAL A 56 -4.20 20.53 15.65
N ASP A 57 -4.86 20.66 16.79
CA ASP A 57 -6.03 19.81 17.16
C ASP A 57 -7.36 20.43 16.69
N ALA A 58 -7.91 19.98 15.56
CA ALA A 58 -9.19 20.44 15.02
C ALA A 58 -10.30 19.42 15.29
N TYR A 59 -10.05 18.39 16.11
CA TYR A 59 -11.06 17.33 16.40
C TYR A 59 -12.28 17.91 17.16
N PRO A 60 -12.16 18.91 18.07
CA PRO A 60 -13.38 19.52 18.66
C PRO A 60 -14.35 20.07 17.61
N LEU A 61 -13.84 20.74 16.58
CA LEU A 61 -14.66 21.19 15.44
C LEU A 61 -15.30 19.98 14.71
N LEU A 62 -14.51 18.98 14.27
CA LEU A 62 -15.03 17.79 13.55
C LEU A 62 -16.16 17.14 14.37
N LYS A 63 -15.99 17.05 15.69
CA LYS A 63 -16.97 16.33 16.53
C LYS A 63 -18.31 17.08 16.58
N ARG A 64 -18.31 18.41 16.38
CA ARG A 64 -19.55 19.22 16.32
C ARG A 64 -20.26 18.99 14.98
N LEU A 65 -19.48 18.75 13.92
CA LEU A 65 -20.00 18.48 12.54
C LEU A 65 -20.49 17.03 12.41
N LEU A 66 -19.76 16.05 12.95
CA LEU A 66 -20.07 14.59 12.86
C LEU A 66 -20.04 14.02 14.26
N PRO A 67 -21.12 14.20 15.06
CA PRO A 67 -21.07 13.91 16.50
C PRO A 67 -21.00 12.41 16.83
N PHE A 68 -21.11 11.53 15.84
CA PHE A 68 -20.85 10.06 15.98
C PHE A 68 -19.34 9.78 16.10
N VAL A 69 -18.49 10.73 15.72
CA VAL A 69 -17.01 10.56 15.88
C VAL A 69 -16.61 10.74 17.34
N GLN A 70 -16.18 9.66 17.97
CA GLN A 70 -15.75 9.64 19.39
C GLN A 70 -14.24 9.89 19.53
N SER A 71 -13.40 9.63 18.53
CA SER A 71 -11.94 9.69 18.76
C SER A 71 -11.21 9.84 17.44
N TYR A 72 -9.99 10.36 17.55
CA TYR A 72 -9.02 10.39 16.43
C TYR A 72 -8.96 9.01 15.74
N TYR A 73 -8.87 7.95 16.54
CA TYR A 73 -8.61 6.54 16.08
C TYR A 73 -9.83 5.96 15.35
N GLN A 74 -11.05 6.32 15.76
CA GLN A 74 -12.26 5.93 15.00
C GLN A 74 -12.22 6.62 13.63
N GLY A 75 -11.89 7.92 13.57
CA GLY A 75 -11.71 8.65 12.30
C GLY A 75 -10.67 7.93 11.41
N LEU A 76 -9.54 7.55 11.98
CA LEU A 76 -8.43 6.90 11.26
C LEU A 76 -8.88 5.53 10.74
N THR A 77 -9.73 4.82 11.49
CA THR A 77 -10.27 3.52 11.03
C THR A 77 -11.14 3.76 9.77
N LEU A 78 -12.09 4.70 9.85
CA LEU A 78 -12.99 5.07 8.74
C LEU A 78 -12.15 5.48 7.54
N HIS A 79 -11.16 6.38 7.76
CA HIS A 79 -10.24 6.83 6.67
C HIS A 79 -9.62 5.63 5.93
N GLY A 80 -8.99 4.72 6.65
CA GLY A 80 -8.26 3.63 6.00
C GLY A 80 -9.19 2.63 5.34
N VAL A 81 -10.26 2.25 6.03
CA VAL A 81 -11.21 1.25 5.48
C VAL A 81 -11.85 1.81 4.20
N LEU A 82 -12.40 3.02 4.26
CA LEU A 82 -13.23 3.52 3.13
C LEU A 82 -12.33 3.88 1.97
N ASN A 83 -11.17 4.47 2.23
CA ASN A 83 -10.33 4.93 1.10
C ASN A 83 -9.50 3.76 0.55
N ALA A 84 -8.81 3.02 1.39
CA ALA A 84 -7.80 2.06 0.92
C ALA A 84 -8.42 0.68 0.67
N ILE A 85 -9.53 0.30 1.35
CA ILE A 85 -10.13 -1.04 1.06
C ILE A 85 -11.31 -0.87 0.09
N VAL A 86 -12.25 -0.01 0.41
CA VAL A 86 -13.55 0.06 -0.30
C VAL A 86 -13.42 0.78 -1.66
N PHE A 87 -12.92 2.01 -1.69
CA PHE A 87 -12.82 2.80 -2.95
C PHE A 87 -11.97 2.05 -4.00
N THR A 88 -10.81 1.54 -3.59
CA THR A 88 -9.82 0.88 -4.49
C THR A 88 -10.38 -0.43 -5.05
N GLN A 89 -10.99 -1.26 -4.23
CA GLN A 89 -11.65 -2.50 -4.69
C GLN A 89 -12.73 -2.20 -5.76
N LEU A 90 -13.69 -1.29 -5.47
CA LEU A 90 -14.82 -0.96 -6.38
C LEU A 90 -14.30 -0.38 -7.71
N PHE A 91 -13.26 0.45 -7.66
CA PHE A 91 -12.61 0.96 -8.89
C PHE A 91 -12.04 -0.23 -9.68
N ALA A 92 -11.30 -1.13 -9.02
CA ALA A 92 -10.68 -2.27 -9.70
C ALA A 92 -11.79 -3.16 -10.31
N GLN A 93 -12.87 -3.42 -9.58
CA GLN A 93 -13.99 -4.26 -10.09
C GLN A 93 -14.65 -3.57 -11.32
N ALA A 94 -14.85 -2.24 -11.28
CA ALA A 94 -15.38 -1.48 -12.43
C ALA A 94 -14.45 -1.66 -13.65
N ILE A 95 -13.19 -1.25 -13.53
CA ILE A 95 -12.24 -1.11 -14.69
C ILE A 95 -11.89 -2.50 -15.26
N MET A 96 -11.52 -3.45 -14.40
CA MET A 96 -10.90 -4.72 -14.83
C MET A 96 -11.99 -5.78 -15.18
N VAL A 97 -13.27 -5.42 -15.20
CA VAL A 97 -14.37 -6.20 -15.84
C VAL A 97 -14.82 -5.45 -17.11
N TYR A 98 -15.11 -4.15 -17.02
CA TYR A 98 -15.61 -3.35 -18.19
C TYR A 98 -14.61 -3.22 -19.32
N LEU A 99 -13.32 -2.92 -19.06
CA LEU A 99 -12.38 -2.67 -20.18
C LEU A 99 -12.23 -3.95 -21.03
N PRO A 100 -12.00 -5.13 -20.44
CA PRO A 100 -11.92 -6.35 -21.22
C PRO A 100 -13.22 -6.66 -21.97
N ALA A 101 -14.39 -6.50 -21.34
CA ALA A 101 -15.69 -6.72 -22.03
C ALA A 101 -15.71 -5.90 -23.32
N ARG A 102 -15.43 -4.60 -23.21
CA ARG A 102 -15.46 -3.67 -24.37
C ARG A 102 -14.37 -4.04 -25.39
N GLU A 103 -13.17 -4.45 -24.98
CA GLU A 103 -12.10 -4.85 -25.95
C GLU A 103 -12.58 -6.06 -26.77
N LEU A 104 -13.24 -7.05 -26.14
CA LEU A 104 -13.64 -8.31 -26.79
C LEU A 104 -14.97 -8.09 -27.53
N ASN A 105 -15.70 -7.04 -27.16
CA ASN A 105 -17.08 -6.73 -27.62
C ASN A 105 -18.00 -7.89 -27.21
N MET A 106 -17.88 -8.34 -25.97
CA MET A 106 -18.67 -9.47 -25.45
C MET A 106 -19.35 -9.05 -24.14
N ARG A 107 -20.55 -9.56 -23.91
CA ARG A 107 -21.35 -9.25 -22.71
C ARG A 107 -20.91 -10.14 -21.54
N PRO A 108 -20.55 -9.59 -20.37
CA PRO A 108 -20.34 -10.42 -19.18
C PRO A 108 -21.65 -11.11 -18.76
N ASN A 109 -21.57 -12.22 -18.03
CA ASN A 109 -22.72 -12.80 -17.30
C ASN A 109 -23.29 -11.74 -16.37
N MET A 110 -24.42 -11.16 -16.74
CA MET A 110 -25.06 -10.02 -16.06
C MET A 110 -25.71 -10.46 -14.73
N GLY A 111 -26.15 -11.73 -14.59
CA GLY A 111 -26.61 -12.27 -13.31
C GLY A 111 -25.46 -12.24 -12.28
N LEU A 112 -24.32 -12.76 -12.64
CA LEU A 112 -23.14 -12.73 -11.76
C LEU A 112 -22.67 -11.26 -11.54
N MET A 113 -22.69 -10.41 -12.56
CA MET A 113 -22.22 -9.00 -12.40
C MET A 113 -23.06 -8.25 -11.35
N TRP A 114 -24.38 -8.36 -11.40
CA TRP A 114 -25.29 -7.76 -10.40
C TRP A 114 -25.15 -8.46 -9.05
N LEU A 115 -24.93 -9.78 -8.97
CA LEU A 115 -24.66 -10.45 -7.68
C LEU A 115 -23.40 -9.84 -7.01
N SER A 116 -22.30 -9.67 -7.75
CA SER A 116 -21.03 -9.11 -7.24
C SER A 116 -21.30 -7.71 -6.65
N TRP A 117 -22.10 -6.89 -7.32
CA TRP A 117 -22.44 -5.54 -6.85
C TRP A 117 -23.20 -5.66 -5.52
N TRP A 118 -24.27 -6.47 -5.45
CA TRP A 118 -25.09 -6.62 -4.22
C TRP A 118 -24.25 -7.18 -3.06
N MET A 119 -23.34 -8.11 -3.30
CA MET A 119 -22.44 -8.59 -2.22
C MET A 119 -21.57 -7.45 -1.67
N ALA A 120 -20.98 -6.62 -2.55
CA ALA A 120 -20.13 -5.46 -2.17
C ALA A 120 -20.95 -4.46 -1.36
N PHE A 121 -22.15 -4.16 -1.84
CA PHE A 121 -23.04 -3.17 -1.20
C PHE A 121 -23.44 -3.65 0.20
N ILE A 122 -23.93 -4.89 0.30
CA ILE A 122 -24.35 -5.50 1.61
C ILE A 122 -23.12 -5.64 2.54
N GLY A 123 -22.00 -6.14 2.07
CA GLY A 123 -20.76 -6.21 2.88
C GLY A 123 -20.40 -4.85 3.49
N LEU A 124 -20.42 -3.79 2.69
CA LEU A 124 -20.11 -2.40 3.10
C LEU A 124 -21.08 -1.92 4.19
N VAL A 125 -22.39 -2.09 3.99
CA VAL A 125 -23.45 -1.65 4.94
C VAL A 125 -23.25 -2.36 6.27
N VAL A 126 -22.96 -3.66 6.24
CA VAL A 126 -22.86 -4.45 7.49
C VAL A 126 -21.58 -4.06 8.24
N ALA A 127 -20.45 -3.86 7.57
CA ALA A 127 -19.18 -3.45 8.22
C ALA A 127 -19.28 -2.00 8.75
N ALA A 128 -20.00 -1.14 8.04
CA ALA A 128 -20.10 0.32 8.30
C ALA A 128 -20.81 0.54 9.64
N LEU A 129 -21.77 -0.31 10.00
CA LEU A 129 -22.63 -0.07 11.18
C LEU A 129 -21.81 -0.07 12.48
N PRO A 130 -21.01 -1.12 12.81
CA PRO A 130 -20.16 -1.08 14.00
C PRO A 130 -19.01 -0.04 13.92
N LEU A 131 -18.56 0.33 12.72
CA LEU A 131 -17.52 1.40 12.56
C LEU A 131 -18.09 2.74 12.99
N LEU A 132 -19.31 3.05 12.56
CA LEU A 132 -20.00 4.32 12.91
C LEU A 132 -20.38 4.33 14.39
N ALA A 133 -20.71 3.19 14.99
CA ALA A 133 -21.12 3.07 16.41
C ALA A 133 -19.93 2.93 17.38
N ASN A 134 -18.67 2.98 16.91
CA ASN A 134 -17.47 2.94 17.79
C ASN A 134 -17.34 1.54 18.39
N GLU A 135 -17.66 0.51 17.62
CA GLU A 135 -17.56 -0.88 18.10
C GLU A 135 -16.42 -1.60 17.39
N ALA A 136 -15.65 -0.93 16.53
CA ALA A 136 -14.55 -1.61 15.80
C ALA A 136 -13.42 -0.61 15.53
N THR A 137 -12.93 0.07 16.56
CA THR A 137 -11.85 1.08 16.46
C THR A 137 -10.51 0.35 16.52
N VAL A 138 -10.25 -0.46 15.49
CA VAL A 138 -9.09 -1.39 15.41
C VAL A 138 -8.15 -1.09 14.23
N LEU A 139 -8.46 -0.04 13.43
CA LEU A 139 -7.75 0.38 12.20
C LEU A 139 -7.96 -0.64 11.06
N TYR A 140 -7.53 -0.29 9.85
CA TYR A 140 -7.80 -1.10 8.63
C TYR A 140 -6.96 -2.39 8.62
N THR A 141 -6.01 -2.58 9.55
CA THR A 141 -5.20 -3.81 9.76
C THR A 141 -5.84 -4.72 10.83
N PHE A 142 -6.72 -4.20 11.69
CA PHE A 142 -7.45 -4.97 12.74
C PHE A 142 -6.59 -6.08 13.35
N TYR A 143 -5.43 -5.73 13.91
CA TYR A 143 -4.49 -6.71 14.53
C TYR A 143 -5.05 -7.21 15.85
N PRO A 144 -5.26 -8.53 16.00
CA PRO A 144 -5.62 -9.07 17.31
C PRO A 144 -4.45 -8.81 18.26
N PRO A 145 -4.64 -8.77 19.58
CA PRO A 145 -5.93 -9.13 20.23
C PRO A 145 -6.90 -7.98 20.45
N LEU A 146 -6.74 -6.84 19.75
CA LEU A 146 -7.80 -5.81 19.75
C LEU A 146 -9.04 -6.44 19.11
N LYS A 147 -10.17 -6.42 19.77
CA LYS A 147 -11.32 -7.27 19.39
C LYS A 147 -12.47 -6.40 18.92
N GLY A 148 -12.69 -6.40 17.61
CA GLY A 148 -13.83 -5.69 17.01
C GLY A 148 -15.12 -6.48 17.14
N HIS A 149 -16.24 -5.79 16.91
CA HIS A 149 -17.60 -6.38 16.77
C HIS A 149 -17.66 -7.38 15.61
N TRP A 150 -18.36 -8.52 15.80
CA TRP A 150 -18.49 -9.55 14.73
C TRP A 150 -18.99 -8.99 13.40
N ALA A 151 -19.79 -7.92 13.37
CA ALA A 151 -20.41 -7.42 12.12
C ALA A 151 -19.33 -6.82 11.21
N PHE A 152 -18.28 -6.25 11.83
CA PHE A 152 -17.14 -5.66 11.07
C PHE A 152 -16.44 -6.78 10.30
N TYR A 153 -16.02 -7.85 10.96
CA TYR A 153 -15.30 -8.99 10.32
C TYR A 153 -16.21 -9.72 9.30
N LEU A 154 -17.50 -9.82 9.57
CA LEU A 154 -18.44 -10.53 8.65
C LEU A 154 -18.62 -9.65 7.42
N GLY A 155 -18.95 -8.37 7.61
CA GLY A 155 -19.13 -7.38 6.51
C GLY A 155 -17.92 -7.29 5.63
N ALA A 156 -16.73 -7.21 6.23
CA ALA A 156 -15.44 -7.08 5.49
C ALA A 156 -15.19 -8.35 4.65
N SER A 157 -15.47 -9.52 5.21
CA SER A 157 -15.34 -10.83 4.53
C SER A 157 -16.25 -10.88 3.30
N VAL A 158 -17.51 -10.53 3.47
CA VAL A 158 -18.51 -10.54 2.36
C VAL A 158 -18.08 -9.53 1.28
N PHE A 159 -17.64 -8.35 1.69
CA PHE A 159 -17.17 -7.29 0.79
C PHE A 159 -16.04 -7.86 -0.06
N VAL A 160 -15.05 -8.46 0.56
CA VAL A 160 -13.86 -8.94 -0.20
C VAL A 160 -14.23 -10.12 -1.09
N LEU A 161 -15.12 -11.00 -0.63
CA LEU A 161 -15.50 -12.19 -1.42
C LEU A 161 -16.29 -11.83 -2.68
N SER A 162 -16.90 -10.63 -2.77
CA SER A 162 -17.44 -10.04 -4.02
C SER A 162 -16.46 -10.25 -5.19
N THR A 163 -15.16 -10.03 -4.93
CA THR A 163 -14.10 -10.10 -5.97
C THR A 163 -13.99 -11.51 -6.56
N TRP A 164 -14.34 -12.57 -5.82
CA TRP A 164 -14.29 -13.95 -6.37
C TRP A 164 -15.30 -14.12 -7.51
N VAL A 165 -16.43 -13.44 -7.41
CA VAL A 165 -17.42 -13.41 -8.52
C VAL A 165 -16.81 -12.69 -9.73
N SER A 166 -16.12 -11.56 -9.51
CA SER A 166 -15.45 -10.80 -10.59
C SER A 166 -14.43 -11.69 -11.28
N ILE A 167 -13.64 -12.44 -10.54
CA ILE A 167 -12.66 -13.38 -11.16
C ILE A 167 -13.36 -14.33 -12.16
N TYR A 168 -14.40 -15.04 -11.69
CA TYR A 168 -15.20 -15.99 -12.49
C TYR A 168 -15.71 -15.28 -13.77
N ILE A 169 -16.28 -14.08 -13.65
CA ILE A 169 -16.85 -13.28 -14.77
C ILE A 169 -15.78 -13.09 -15.86
N VAL A 170 -14.58 -12.68 -15.47
CA VAL A 170 -13.50 -12.43 -16.47
C VAL A 170 -12.95 -13.75 -17.04
N LEU A 171 -12.73 -14.79 -16.22
CA LEU A 171 -12.23 -16.10 -16.76
C LEU A 171 -13.26 -16.69 -17.76
N ASP A 172 -14.56 -16.47 -17.52
CA ASP A 172 -15.68 -16.84 -18.42
C ASP A 172 -15.55 -16.11 -19.76
N LEU A 173 -15.46 -14.77 -19.75
CA LEU A 173 -15.26 -13.92 -20.96
C LEU A 173 -14.09 -14.47 -21.76
N TRP A 174 -12.97 -14.72 -21.10
CA TRP A 174 -11.72 -15.20 -21.74
C TRP A 174 -11.91 -16.60 -22.37
N ARG A 175 -12.54 -17.54 -21.65
CA ARG A 175 -12.80 -18.92 -22.15
C ARG A 175 -13.80 -18.89 -23.33
N ARG A 176 -14.85 -18.07 -23.29
CA ARG A 176 -15.82 -17.91 -24.42
C ARG A 176 -15.05 -17.33 -25.63
N TRP A 177 -14.15 -16.38 -25.42
CA TRP A 177 -13.41 -15.75 -26.54
C TRP A 177 -12.50 -16.78 -27.21
N LYS A 178 -11.75 -17.52 -26.40
CA LYS A 178 -10.76 -18.50 -26.86
C LYS A 178 -11.47 -19.59 -27.68
N ALA A 179 -12.59 -20.13 -27.20
CA ALA A 179 -13.37 -21.20 -27.86
C ALA A 179 -13.80 -20.73 -29.25
N ALA A 180 -14.09 -19.44 -29.43
CA ALA A 180 -14.55 -18.86 -30.72
C ALA A 180 -13.37 -18.33 -31.54
N ASN A 181 -12.15 -18.33 -30.99
CA ASN A 181 -10.92 -17.82 -31.69
C ASN A 181 -9.78 -18.76 -31.38
N PRO A 182 -9.89 -20.06 -31.74
CA PRO A 182 -8.78 -20.98 -31.54
C PRO A 182 -7.58 -20.43 -32.32
N GLY A 183 -6.37 -20.62 -31.78
CA GLY A 183 -5.11 -20.23 -32.43
C GLY A 183 -4.66 -18.81 -32.13
N LYS A 184 -5.57 -17.91 -31.70
CA LYS A 184 -5.30 -16.46 -31.49
C LYS A 184 -4.75 -16.23 -30.08
N VAL A 185 -3.75 -15.34 -29.96
CA VAL A 185 -3.22 -14.87 -28.64
C VAL A 185 -4.28 -14.00 -27.97
N THR A 186 -4.39 -14.08 -26.65
CA THR A 186 -5.30 -13.21 -25.88
C THR A 186 -5.05 -11.75 -26.27
N PRO A 187 -6.09 -10.93 -26.53
CA PRO A 187 -5.88 -9.48 -26.71
C PRO A 187 -5.34 -8.81 -25.42
N LEU A 188 -4.64 -7.68 -25.56
CA LEU A 188 -3.71 -7.14 -24.55
C LEU A 188 -4.46 -6.83 -23.24
N VAL A 189 -5.56 -6.10 -23.32
CA VAL A 189 -6.31 -5.63 -22.12
C VAL A 189 -6.88 -6.86 -21.40
N THR A 190 -7.37 -7.86 -22.14
CA THR A 190 -7.93 -9.12 -21.56
C THR A 190 -6.79 -9.90 -20.90
N TYR A 191 -5.62 -9.95 -21.53
CA TYR A 191 -4.42 -10.58 -20.95
C TYR A 191 -4.12 -9.93 -19.59
N MET A 192 -4.01 -8.61 -19.54
CA MET A 192 -3.75 -7.86 -18.26
C MET A 192 -4.80 -8.23 -17.21
N ALA A 193 -6.11 -8.29 -17.55
CA ALA A 193 -7.20 -8.55 -16.59
C ALA A 193 -7.15 -10.01 -16.07
N VAL A 194 -6.84 -10.97 -16.95
CA VAL A 194 -6.78 -12.40 -16.57
C VAL A 194 -5.65 -12.61 -15.57
N VAL A 195 -4.45 -12.13 -15.86
CA VAL A 195 -3.31 -12.37 -14.95
C VAL A 195 -3.53 -11.56 -13.65
N PHE A 196 -4.13 -10.39 -13.72
CA PHE A 196 -4.54 -9.58 -12.54
C PHE A 196 -5.46 -10.40 -11.63
N TRP A 197 -6.57 -10.91 -12.17
CA TRP A 197 -7.59 -11.62 -11.37
C TRP A 197 -7.06 -12.94 -10.80
N LEU A 198 -6.18 -13.64 -11.51
CA LEU A 198 -5.55 -14.89 -11.00
C LEU A 198 -4.52 -14.55 -9.90
N MET A 199 -3.73 -13.50 -10.07
CA MET A 199 -2.86 -13.03 -8.95
C MET A 199 -3.72 -12.76 -7.69
N TRP A 200 -4.84 -12.05 -7.83
CA TRP A 200 -5.70 -11.66 -6.69
C TRP A 200 -6.31 -12.89 -6.02
N PHE A 201 -6.68 -13.93 -6.79
CA PHE A 201 -7.17 -15.22 -6.21
C PHE A 201 -6.15 -15.73 -5.17
N LEU A 202 -4.90 -15.91 -5.58
CA LEU A 202 -3.79 -16.42 -4.75
C LEU A 202 -3.56 -15.49 -3.55
N ALA A 203 -3.50 -14.18 -3.81
CA ALA A 203 -3.29 -13.10 -2.81
C ALA A 203 -4.35 -13.17 -1.70
N SER A 204 -5.61 -13.30 -2.06
CA SER A 204 -6.78 -13.16 -1.17
C SER A 204 -6.82 -14.29 -0.12
N LEU A 205 -6.09 -15.38 -0.29
CA LEU A 205 -6.31 -16.60 0.54
C LEU A 205 -5.85 -16.32 1.98
N GLY A 206 -4.78 -15.54 2.17
CA GLY A 206 -4.25 -15.20 3.50
C GLY A 206 -5.34 -14.62 4.37
N LEU A 207 -6.05 -13.61 3.87
CA LEU A 207 -7.06 -12.86 4.66
C LEU A 207 -8.31 -13.72 4.82
N VAL A 208 -8.69 -14.49 3.78
CA VAL A 208 -9.88 -15.39 3.89
C VAL A 208 -9.62 -16.45 4.97
N LEU A 209 -8.44 -17.04 5.01
CA LEU A 209 -8.03 -18.02 6.07
C LEU A 209 -8.03 -17.37 7.45
N GLU A 210 -7.43 -16.16 7.57
CA GLU A 210 -7.45 -15.43 8.86
C GLU A 210 -8.90 -15.21 9.33
N ALA A 211 -9.79 -14.76 8.45
CA ALA A 211 -11.21 -14.51 8.80
C ALA A 211 -11.95 -15.80 9.16
N VAL A 212 -11.89 -16.86 8.36
CA VAL A 212 -12.71 -18.09 8.60
C VAL A 212 -12.16 -18.91 9.77
N LEU A 213 -10.86 -19.12 9.84
CA LEU A 213 -10.23 -19.93 10.91
C LEU A 213 -10.21 -19.18 12.24
N PHE A 214 -10.04 -17.85 12.28
CA PHE A 214 -9.70 -17.15 13.55
C PHE A 214 -10.68 -16.03 13.82
N LEU A 215 -10.73 -14.97 13.00
CA LEU A 215 -11.41 -13.73 13.43
C LEU A 215 -12.89 -14.04 13.61
N LEU A 216 -13.52 -14.76 12.68
CA LEU A 216 -15.01 -14.88 12.78
C LEU A 216 -15.40 -15.71 14.01
N PRO A 217 -14.88 -16.95 14.22
CA PRO A 217 -15.21 -17.72 15.43
C PRO A 217 -14.87 -17.02 16.74
N TRP A 218 -13.73 -16.33 16.79
CA TRP A 218 -13.28 -15.49 17.93
C TRP A 218 -14.32 -14.41 18.21
N SER A 219 -14.77 -13.67 17.20
CA SER A 219 -15.65 -12.49 17.41
C SER A 219 -17.06 -12.91 17.79
N PHE A 220 -17.47 -14.12 17.42
CA PHE A 220 -18.77 -14.71 17.82
C PHE A 220 -18.69 -15.41 19.18
N GLY A 221 -17.49 -15.52 19.77
CA GLY A 221 -17.30 -16.10 21.11
C GLY A 221 -17.21 -17.62 21.09
N LEU A 222 -16.97 -18.24 19.94
CA LEU A 222 -16.78 -19.70 19.76
C LEU A 222 -15.38 -20.14 20.16
N VAL A 223 -14.34 -19.28 20.03
CA VAL A 223 -12.98 -19.57 20.58
C VAL A 223 -12.58 -18.42 21.51
N GLU A 224 -11.77 -18.69 22.52
CA GLU A 224 -11.50 -17.73 23.63
C GLU A 224 -10.40 -16.71 23.22
N GLY A 225 -9.47 -17.14 22.37
CA GLY A 225 -8.28 -16.35 21.99
C GLY A 225 -7.82 -16.61 20.57
N VAL A 226 -6.87 -15.80 20.14
CA VAL A 226 -6.26 -15.83 18.79
C VAL A 226 -4.78 -15.65 19.02
N ASP A 227 -3.98 -16.34 18.26
CA ASP A 227 -2.52 -16.16 18.20
C ASP A 227 -2.22 -14.94 17.33
N PRO A 228 -1.70 -13.85 17.90
CA PRO A 228 -1.51 -12.62 17.13
C PRO A 228 -0.41 -12.73 16.08
N LEU A 229 0.59 -13.59 16.29
CA LEU A 229 1.71 -13.79 15.32
C LEU A 229 1.20 -14.54 14.08
N VAL A 230 0.38 -15.58 14.26
CA VAL A 230 -0.21 -16.30 13.09
C VAL A 230 -1.20 -15.35 12.40
N ALA A 231 -2.01 -14.62 13.15
CA ALA A 231 -3.00 -13.67 12.55
C ALA A 231 -2.26 -12.67 11.63
N ARG A 232 -1.16 -12.04 12.09
CA ARG A 232 -0.37 -11.04 11.33
C ARG A 232 0.26 -11.67 10.08
N THR A 233 0.74 -12.90 10.22
CA THR A 233 1.42 -13.63 9.13
C THR A 233 0.36 -13.90 8.04
N LEU A 234 -0.84 -14.39 8.36
CA LEU A 234 -1.89 -14.56 7.33
C LEU A 234 -2.32 -13.21 6.74
N PHE A 235 -2.49 -12.19 7.59
CA PHE A 235 -2.89 -10.83 7.13
C PHE A 235 -1.93 -10.34 6.04
N TRP A 236 -0.62 -10.44 6.27
CA TRP A 236 0.38 -9.80 5.38
C TRP A 236 0.66 -10.66 4.14
N TRP A 237 0.23 -11.93 4.14
CA TRP A 237 0.11 -12.73 2.87
C TRP A 237 -0.75 -11.93 1.88
N THR A 238 -1.93 -11.45 2.28
CA THR A 238 -2.83 -10.66 1.42
C THR A 238 -2.37 -9.19 1.39
N GLY A 239 -1.80 -8.73 2.50
CA GLY A 239 -1.54 -7.30 2.77
C GLY A 239 -0.51 -6.70 1.85
N HIS A 240 0.48 -7.47 1.32
CA HIS A 240 1.32 -6.91 0.23
C HIS A 240 0.55 -6.87 -1.09
N PRO A 241 0.13 -8.04 -1.63
CA PRO A 241 -0.46 -8.08 -2.97
C PRO A 241 -1.70 -7.18 -3.14
N ILE A 242 -2.41 -6.91 -2.06
CA ILE A 242 -3.60 -6.01 -2.16
C ILE A 242 -3.14 -4.64 -2.70
N VAL A 243 -1.90 -4.20 -2.45
CA VAL A 243 -1.49 -2.83 -2.93
C VAL A 243 -1.19 -2.92 -4.45
N TYR A 244 -0.81 -4.10 -4.95
CA TYR A 244 -0.65 -4.39 -6.42
C TYR A 244 -2.04 -4.51 -7.06
N PHE A 245 -3.01 -5.07 -6.35
CA PHE A 245 -4.43 -5.10 -6.73
C PHE A 245 -4.92 -3.66 -6.94
N TRP A 246 -4.59 -2.75 -6.02
CA TRP A 246 -4.97 -1.32 -6.16
C TRP A 246 -4.33 -0.72 -7.40
N LEU A 247 -3.06 -1.05 -7.63
CA LEU A 247 -2.19 -0.35 -8.62
C LEU A 247 -2.53 -0.77 -10.05
N LEU A 248 -2.70 -2.08 -10.28
CA LEU A 248 -2.74 -2.63 -11.65
C LEU A 248 -3.90 -2.08 -12.51
N PRO A 249 -5.09 -1.71 -11.98
CA PRO A 249 -6.12 -1.06 -12.80
C PRO A 249 -5.62 0.31 -13.31
N ALA A 250 -4.85 1.04 -12.49
CA ALA A 250 -4.26 2.33 -12.93
C ALA A 250 -3.24 2.04 -14.03
N TYR A 251 -2.40 1.01 -13.87
CA TYR A 251 -1.40 0.66 -14.92
C TYR A 251 -2.08 0.27 -16.25
N ALA A 252 -3.19 -0.48 -16.21
CA ALA A 252 -3.93 -0.91 -17.41
C ALA A 252 -4.37 0.33 -18.22
N ILE A 253 -4.90 1.36 -17.55
CA ILE A 253 -5.30 2.66 -18.18
C ILE A 253 -4.05 3.40 -18.72
N ILE A 254 -3.00 3.49 -17.91
CA ILE A 254 -1.72 4.16 -18.26
C ILE A 254 -1.05 3.46 -19.48
N TYR A 255 -1.08 2.13 -19.59
CA TYR A 255 -0.51 1.40 -20.74
C TYR A 255 -1.41 1.55 -21.99
N THR A 256 -2.73 1.38 -21.85
CA THR A 256 -3.60 1.04 -23.01
C THR A 256 -4.54 2.20 -23.41
N ILE A 257 -4.70 3.22 -22.57
CA ILE A 257 -5.56 4.39 -22.87
C ILE A 257 -4.74 5.69 -22.86
N LEU A 258 -3.91 5.94 -21.84
CA LEU A 258 -3.14 7.22 -21.75
C LEU A 258 -2.39 7.55 -23.06
N PRO A 259 -1.69 6.62 -23.74
CA PRO A 259 -0.92 7.00 -24.93
C PRO A 259 -1.78 7.61 -26.04
N LYS A 260 -3.01 7.11 -26.22
CA LYS A 260 -3.99 7.73 -27.16
C LYS A 260 -4.33 9.15 -26.70
N GLN A 261 -4.63 9.35 -25.41
CA GLN A 261 -4.97 10.69 -24.85
C GLN A 261 -3.80 11.68 -25.01
N ALA A 262 -2.56 11.18 -25.08
CA ALA A 262 -1.35 12.01 -25.23
C ALA A 262 -1.11 12.36 -26.70
N GLY A 263 -1.77 11.70 -27.65
CA GLY A 263 -1.54 11.86 -29.10
C GLY A 263 -0.57 10.86 -29.69
N GLY A 264 -0.27 9.75 -29.00
CA GLY A 264 0.67 8.75 -29.50
C GLY A 264 0.09 7.36 -29.56
N LYS A 265 0.98 6.39 -29.38
CA LYS A 265 0.70 4.95 -29.38
C LYS A 265 1.48 4.25 -28.26
N LEU A 266 1.05 3.09 -27.84
CA LEU A 266 1.88 2.24 -26.94
C LEU A 266 3.05 1.67 -27.77
N VAL A 267 4.27 1.84 -27.30
CA VAL A 267 5.50 1.54 -28.04
C VAL A 267 5.83 0.03 -28.02
N SER A 268 5.22 -0.77 -27.12
CA SER A 268 5.50 -2.23 -27.04
C SER A 268 4.37 -2.96 -26.32
N ASP A 269 3.67 -3.85 -27.03
CA ASP A 269 2.69 -4.76 -26.41
C ASP A 269 3.43 -5.77 -25.50
N PRO A 270 4.49 -6.49 -25.96
CA PRO A 270 5.18 -7.47 -25.13
C PRO A 270 5.81 -6.95 -23.82
N MET A 271 6.35 -5.72 -23.79
CA MET A 271 6.94 -5.16 -22.57
C MET A 271 5.83 -4.88 -21.56
N ALA A 272 4.61 -4.55 -22.00
CA ALA A 272 3.45 -4.32 -21.10
C ALA A 272 2.97 -5.66 -20.52
N ARG A 273 2.86 -6.70 -21.36
CA ARG A 273 2.44 -8.07 -20.93
C ARG A 273 3.45 -8.63 -19.92
N LEU A 274 4.73 -8.42 -20.19
CA LEU A 274 5.80 -8.90 -19.32
C LEU A 274 5.73 -8.24 -17.92
N ALA A 275 5.50 -6.92 -17.80
CA ALA A 275 5.33 -6.26 -16.48
C ALA A 275 4.21 -6.93 -15.67
N PHE A 276 3.09 -7.20 -16.33
CA PHE A 276 1.89 -7.81 -15.72
C PHE A 276 2.18 -9.26 -15.32
N LEU A 277 2.96 -9.97 -16.11
CA LEU A 277 3.33 -11.36 -15.80
C LEU A 277 4.22 -11.40 -14.55
N LEU A 278 5.19 -10.52 -14.44
CA LEU A 278 6.09 -10.44 -13.26
C LEU A 278 5.29 -10.12 -11.99
N PHE A 279 4.24 -9.30 -12.08
CA PHE A 279 3.32 -9.05 -10.94
C PHE A 279 2.52 -10.32 -10.55
N LEU A 280 2.08 -11.13 -11.51
CA LEU A 280 1.41 -12.41 -11.19
C LEU A 280 2.40 -13.28 -10.38
N LEU A 281 3.68 -13.36 -10.76
CA LEU A 281 4.69 -14.25 -10.11
C LEU A 281 5.14 -13.68 -8.76
N LEU A 282 5.32 -12.34 -8.64
CA LEU A 282 6.08 -11.77 -7.48
C LEU A 282 5.26 -10.96 -6.45
N SER A 283 3.96 -10.75 -6.63
CA SER A 283 3.18 -9.84 -5.76
C SER A 283 2.92 -10.50 -4.40
N THR A 284 2.74 -11.83 -4.34
CA THR A 284 2.25 -12.53 -3.13
C THR A 284 3.36 -13.00 -2.20
N PRO A 285 4.51 -13.60 -2.64
CA PRO A 285 5.41 -14.29 -1.72
C PRO A 285 6.41 -13.39 -0.96
N VAL A 286 5.97 -12.21 -0.49
CA VAL A 286 6.96 -11.15 -0.07
C VAL A 286 6.55 -10.51 1.27
N GLY A 287 5.44 -10.92 1.88
CA GLY A 287 4.79 -10.22 3.01
C GLY A 287 5.63 -10.11 4.27
N PHE A 288 6.71 -10.90 4.45
CA PHE A 288 7.58 -10.69 5.65
C PHE A 288 8.28 -9.31 5.62
N HIS A 289 8.28 -8.56 4.51
CA HIS A 289 8.74 -7.15 4.50
C HIS A 289 7.81 -6.24 5.33
N HIS A 290 6.63 -6.73 5.78
CA HIS A 290 5.76 -6.08 6.78
C HIS A 290 6.03 -6.62 8.17
N GLN A 291 6.94 -7.60 8.28
CA GLN A 291 7.20 -8.29 9.56
C GLN A 291 8.68 -8.27 9.92
N PHE A 292 9.46 -7.33 9.37
CA PHE A 292 10.90 -7.27 9.73
C PHE A 292 11.07 -7.07 11.25
N ALA A 293 10.12 -6.39 11.90
CA ALA A 293 10.24 -6.07 13.34
C ALA A 293 9.43 -7.08 14.20
N ASP A 294 8.97 -8.20 13.62
CA ASP A 294 8.18 -9.22 14.36
C ASP A 294 9.13 -10.23 14.97
N PRO A 295 8.85 -10.65 16.21
CA PRO A 295 9.53 -11.79 16.81
C PRO A 295 9.07 -13.10 16.17
N GLY A 296 9.90 -14.14 16.29
CA GLY A 296 9.43 -15.52 16.09
C GLY A 296 9.40 -15.90 14.62
N ILE A 297 9.96 -15.06 13.75
CA ILE A 297 10.14 -15.35 12.30
C ILE A 297 11.65 -15.35 12.06
N ASP A 298 12.13 -16.43 11.46
CA ASP A 298 13.58 -16.66 11.29
C ASP A 298 14.13 -15.54 10.46
N PRO A 299 15.29 -14.93 10.81
CA PRO A 299 15.86 -13.90 9.96
C PRO A 299 16.22 -14.34 8.54
N THR A 300 16.49 -15.65 8.33
CA THR A 300 16.76 -16.25 6.99
C THR A 300 15.59 -15.97 6.05
N TRP A 301 14.38 -16.28 6.51
CA TRP A 301 13.14 -16.06 5.72
C TRP A 301 12.90 -14.57 5.47
N LYS A 302 13.16 -13.71 6.46
CA LYS A 302 13.06 -12.24 6.27
C LYS A 302 13.99 -11.79 5.13
N MET A 303 15.22 -12.33 5.06
CA MET A 303 16.18 -11.95 3.99
C MET A 303 15.66 -12.45 2.65
N ILE A 304 15.07 -13.64 2.60
CA ILE A 304 14.49 -14.21 1.35
C ILE A 304 13.32 -13.34 0.87
N HIS A 305 12.39 -12.94 1.74
CA HIS A 305 11.29 -12.02 1.37
C HIS A 305 11.87 -10.63 0.95
N SER A 306 12.94 -10.14 1.58
CA SER A 306 13.55 -8.85 1.22
C SER A 306 14.00 -8.92 -0.25
N VAL A 307 14.70 -10.00 -0.62
CA VAL A 307 15.25 -10.24 -1.98
C VAL A 307 14.09 -10.31 -3.00
N LEU A 308 13.07 -11.09 -2.71
CA LEU A 308 11.91 -11.18 -3.62
C LEU A 308 11.21 -9.81 -3.72
N THR A 309 11.22 -9.00 -2.66
CA THR A 309 10.56 -7.67 -2.67
C THR A 309 11.34 -6.78 -3.60
N LEU A 310 12.66 -6.84 -3.56
CA LEU A 310 13.47 -6.02 -4.46
C LEU A 310 13.15 -6.43 -5.91
N PHE A 311 12.94 -7.71 -6.18
CA PHE A 311 12.58 -8.17 -7.56
C PHE A 311 11.20 -7.66 -7.99
N VAL A 312 10.24 -7.48 -7.06
CA VAL A 312 8.87 -7.05 -7.46
C VAL A 312 8.93 -5.57 -7.87
N ALA A 313 10.02 -4.86 -7.55
CA ALA A 313 10.28 -3.49 -8.05
C ALA A 313 10.59 -3.49 -9.57
N VAL A 314 11.12 -4.58 -10.14
CA VAL A 314 11.58 -4.63 -11.56
C VAL A 314 10.44 -4.26 -12.54
N PRO A 315 9.24 -4.83 -12.40
CA PRO A 315 8.15 -4.52 -13.31
C PRO A 315 7.73 -3.03 -13.27
N SER A 316 7.94 -2.35 -12.14
CA SER A 316 7.67 -0.88 -12.07
C SER A 316 8.85 -0.12 -12.70
N LEU A 317 10.09 -0.57 -12.49
CA LEU A 317 11.27 0.05 -13.17
C LEU A 317 11.14 -0.06 -14.70
N MET A 318 10.59 -1.17 -15.18
CA MET A 318 10.33 -1.42 -16.62
C MET A 318 9.20 -0.51 -17.09
N THR A 319 8.10 -0.43 -16.32
CA THR A 319 6.94 0.44 -16.57
C THR A 319 7.43 1.89 -16.75
N ALA A 320 8.36 2.36 -15.89
CA ALA A 320 8.89 3.75 -15.98
C ALA A 320 9.43 4.02 -17.39
N PHE A 321 10.20 3.10 -17.96
CA PHE A 321 10.86 3.27 -19.29
C PHE A 321 9.84 3.16 -20.44
N THR A 322 9.00 2.15 -20.43
CA THR A 322 7.97 1.87 -21.47
C THR A 322 6.96 3.03 -21.55
N VAL A 323 6.53 3.55 -20.41
CA VAL A 323 5.56 4.67 -20.39
C VAL A 323 6.29 5.96 -20.77
N ALA A 324 7.49 6.22 -20.26
CA ALA A 324 8.16 7.49 -20.58
C ALA A 324 8.43 7.53 -22.10
N ALA A 325 8.84 6.42 -22.69
CA ALA A 325 9.13 6.29 -24.14
C ALA A 325 7.88 6.54 -24.98
N SER A 326 6.70 6.06 -24.53
CA SER A 326 5.38 6.29 -25.17
C SER A 326 5.00 7.79 -25.11
N LEU A 327 5.26 8.49 -24.00
CA LEU A 327 4.90 9.91 -23.85
C LEU A 327 5.82 10.77 -24.73
N GLU A 328 7.09 10.40 -24.80
CA GLU A 328 8.12 11.06 -25.64
C GLU A 328 7.74 10.89 -27.13
N PHE A 329 7.39 9.68 -27.54
CA PHE A 329 6.88 9.40 -28.90
C PHE A 329 5.69 10.34 -29.21
N ALA A 330 4.72 10.48 -28.30
CA ALA A 330 3.53 11.33 -28.50
C ALA A 330 3.93 12.81 -28.65
N GLY A 331 4.84 13.30 -27.80
CA GLY A 331 5.35 14.69 -27.81
C GLY A 331 6.08 15.02 -29.12
N ARG A 332 6.80 14.06 -29.68
CA ARG A 332 7.59 14.30 -30.89
C ARG A 332 6.61 14.38 -32.05
N LEU A 333 5.63 13.47 -32.07
CA LEU A 333 4.55 13.43 -33.07
C LEU A 333 3.86 14.79 -33.09
N ARG A 334 3.69 15.42 -31.92
CA ARG A 334 2.94 16.69 -31.80
C ARG A 334 3.89 17.87 -32.00
N GLY A 335 5.13 17.65 -32.45
CA GLY A 335 6.01 18.76 -32.89
C GLY A 335 7.13 19.09 -31.93
N GLY A 336 7.18 18.54 -30.71
CA GLY A 336 8.19 18.95 -29.72
C GLY A 336 9.58 18.45 -30.09
N ARG A 337 10.60 19.31 -29.93
CA ARG A 337 12.02 19.08 -30.35
C ARG A 337 12.94 19.18 -29.13
N GLY A 338 14.11 18.54 -29.19
CA GLY A 338 15.16 18.66 -28.17
C GLY A 338 15.02 17.63 -27.06
N LEU A 339 15.77 17.83 -25.98
CA LEU A 339 15.76 17.04 -24.73
C LEU A 339 14.38 17.14 -24.05
N PHE A 340 13.76 18.33 -23.97
CA PHE A 340 12.61 18.63 -23.07
C PHE A 340 11.40 19.22 -23.83
N GLY A 341 11.50 19.43 -25.14
CA GLY A 341 10.41 20.03 -25.93
C GLY A 341 9.24 19.07 -26.10
N TRP A 342 9.48 17.76 -26.08
CA TRP A 342 8.38 16.77 -26.14
C TRP A 342 7.41 16.98 -24.96
N ILE A 343 7.90 17.44 -23.81
CA ILE A 343 7.04 17.65 -22.61
C ILE A 343 6.01 18.74 -22.89
N ARG A 344 6.47 19.90 -23.38
CA ARG A 344 5.60 21.10 -23.61
C ARG A 344 4.57 20.81 -24.71
N ALA A 345 4.84 19.92 -25.65
CA ALA A 345 3.91 19.62 -26.77
C ALA A 345 2.75 18.69 -26.36
N LEU A 346 2.72 18.16 -25.11
CA LEU A 346 1.70 17.17 -24.66
C LEU A 346 0.43 17.92 -24.28
N PRO A 347 -0.76 17.29 -24.27
CA PRO A 347 -1.99 18.03 -23.96
C PRO A 347 -2.27 18.32 -22.48
N TRP A 348 -1.59 19.35 -21.96
CA TRP A 348 -1.69 19.83 -20.56
C TRP A 348 -3.04 20.50 -20.29
N ASP A 349 -3.90 20.69 -21.32
CA ASP A 349 -5.27 21.24 -21.16
C ASP A 349 -6.27 20.11 -20.94
N ASN A 350 -5.85 18.85 -20.99
CA ASN A 350 -6.75 17.67 -20.87
C ASN A 350 -6.55 17.01 -19.51
N PRO A 351 -7.51 17.14 -18.57
CA PRO A 351 -7.38 16.52 -17.24
C PRO A 351 -7.23 14.99 -17.28
N ALA A 352 -7.73 14.32 -18.31
CA ALA A 352 -7.60 12.86 -18.48
C ALA A 352 -6.14 12.48 -18.74
N PHE A 353 -5.37 13.38 -19.36
CA PHE A 353 -3.92 13.23 -19.59
C PHE A 353 -3.17 13.68 -18.33
N VAL A 354 -3.52 14.85 -17.78
CA VAL A 354 -2.72 15.51 -16.71
C VAL A 354 -2.71 14.64 -15.45
N ALA A 355 -3.87 14.12 -15.05
CA ALA A 355 -4.03 13.49 -13.72
C ALA A 355 -3.07 12.31 -13.59
N PRO A 356 -3.05 11.31 -14.50
CA PRO A 356 -2.13 10.17 -14.33
C PRO A 356 -0.65 10.56 -14.47
N VAL A 357 -0.33 11.57 -15.28
CA VAL A 357 1.08 11.98 -15.48
C VAL A 357 1.61 12.63 -14.20
N LEU A 358 0.85 13.50 -13.53
CA LEU A 358 1.28 14.02 -12.19
C LEU A 358 1.43 12.85 -11.19
N GLY A 359 0.46 11.92 -11.21
CA GLY A 359 0.53 10.74 -10.34
C GLY A 359 1.86 10.00 -10.56
N LEU A 360 2.29 9.85 -11.81
CA LEU A 360 3.56 9.14 -12.13
C LEU A 360 4.76 9.93 -11.61
N LEU A 361 4.73 11.25 -11.66
CA LEU A 361 5.84 12.08 -11.11
C LEU A 361 5.99 11.86 -9.61
N GLY A 362 4.91 11.82 -8.84
CA GLY A 362 4.99 11.60 -7.40
C GLY A 362 5.39 10.17 -7.11
N PHE A 363 5.14 9.25 -8.03
CA PHE A 363 5.47 7.83 -7.88
C PHE A 363 7.00 7.59 -7.88
N ILE A 364 7.80 8.50 -8.45
CA ILE A 364 9.28 8.43 -8.40
C ILE A 364 9.76 8.44 -6.95
N PRO A 365 9.52 9.49 -6.13
CA PRO A 365 9.95 9.42 -4.72
C PRO A 365 9.18 8.33 -3.96
N GLY A 366 7.90 8.09 -4.33
CA GLY A 366 7.11 7.03 -3.67
C GLY A 366 7.77 5.67 -3.81
N GLY A 367 8.21 5.34 -5.02
CA GLY A 367 8.91 4.07 -5.28
C GLY A 367 10.26 4.02 -4.58
N ALA A 368 11.03 5.13 -4.53
CA ALA A 368 12.36 5.16 -3.87
C ALA A 368 12.21 4.80 -2.39
N GLY A 369 11.19 5.34 -1.73
CA GLY A 369 10.89 5.05 -0.34
C GLY A 369 10.53 3.60 -0.14
N GLY A 370 9.80 3.01 -1.06
CA GLY A 370 9.45 1.58 -0.94
C GLY A 370 10.71 0.74 -0.97
N ILE A 371 11.67 1.05 -1.86
CA ILE A 371 12.93 0.25 -2.02
C ILE A 371 13.74 0.32 -0.71
N VAL A 372 13.75 1.47 -0.03
CA VAL A 372 14.37 1.63 1.33
C VAL A 372 13.66 0.70 2.32
N ASN A 373 12.32 0.79 2.38
CA ASN A 373 11.48 0.00 3.30
C ASN A 373 11.77 -1.51 3.14
N ALA A 374 11.97 -1.99 1.90
CA ALA A 374 12.17 -3.41 1.55
C ALA A 374 13.49 -3.97 2.05
N SER A 375 14.44 -3.10 2.40
CA SER A 375 15.86 -3.45 2.53
C SER A 375 16.20 -3.92 3.95
N PHE A 376 15.35 -4.75 4.54
CA PHE A 376 15.51 -5.51 5.82
C PHE A 376 15.97 -4.58 6.95
N THR A 377 17.27 -4.49 7.26
CA THR A 377 17.84 -3.68 8.37
C THR A 377 17.52 -2.18 8.22
N LEU A 378 17.47 -1.63 7.00
CA LEU A 378 17.11 -0.20 6.80
C LEU A 378 15.68 0.07 7.33
N ASP A 379 14.78 -0.89 7.30
CA ASP A 379 13.40 -0.70 7.79
C ASP A 379 13.39 -0.34 9.29
N TYR A 380 14.41 -0.71 10.09
CA TYR A 380 14.42 -0.38 11.55
C TYR A 380 14.52 1.14 11.75
N VAL A 381 15.03 1.84 10.75
CA VAL A 381 15.11 3.33 10.79
C VAL A 381 13.69 3.91 10.67
N VAL A 382 12.84 3.33 9.83
CA VAL A 382 11.57 4.00 9.41
C VAL A 382 10.32 3.27 9.93
N HIS A 383 10.40 2.01 10.37
CA HIS A 383 9.21 1.18 10.69
C HIS A 383 8.32 1.91 11.70
N ASN A 384 7.04 2.00 11.38
CA ASN A 384 5.98 2.56 12.26
C ASN A 384 6.22 4.03 12.56
N THR A 385 6.99 4.75 11.75
CA THR A 385 7.10 6.23 11.86
C THR A 385 6.21 6.88 10.80
N ALA A 386 6.14 8.20 10.81
CA ALA A 386 5.37 9.00 9.82
C ALA A 386 5.94 8.80 8.41
N TRP A 387 7.18 8.31 8.25
CA TRP A 387 7.75 7.95 6.93
C TRP A 387 6.78 7.09 6.15
N VAL A 388 6.23 6.04 6.77
CA VAL A 388 5.44 5.02 6.03
C VAL A 388 4.17 5.64 5.39
N PRO A 389 3.32 6.40 6.10
CA PRO A 389 2.26 7.16 5.45
C PRO A 389 2.70 8.18 4.39
N GLY A 390 3.88 8.77 4.57
CA GLY A 390 4.46 9.63 3.53
C GLY A 390 4.65 8.86 2.22
N HIS A 391 5.32 7.71 2.28
CA HIS A 391 5.50 6.71 1.18
C HIS A 391 4.16 6.38 0.55
N PHE A 392 3.21 5.85 1.30
CA PHE A 392 2.04 5.23 0.62
C PHE A 392 1.03 6.28 0.14
N HIS A 393 1.04 7.53 0.63
CA HIS A 393 0.14 8.54 0.04
C HIS A 393 0.63 8.89 -1.38
N LEU A 394 1.92 8.83 -1.66
CA LEU A 394 2.44 9.06 -3.04
C LEU A 394 2.00 7.90 -3.95
N GLN A 395 1.77 6.71 -3.41
CA GLN A 395 1.48 5.53 -4.26
C GLN A 395 -0.04 5.42 -4.48
N VAL A 396 -0.82 5.21 -3.42
CA VAL A 396 -2.27 5.00 -3.59
C VAL A 396 -3.03 6.34 -3.56
N ALA A 397 -2.71 7.29 -2.66
CA ALA A 397 -3.53 8.51 -2.49
C ALA A 397 -3.22 9.50 -3.64
N SER A 398 -2.12 9.31 -4.37
CA SER A 398 -1.75 10.17 -5.51
C SER A 398 -1.92 9.40 -6.83
N LEU A 399 -1.02 8.51 -7.19
CA LEU A 399 -1.09 7.86 -8.54
C LEU A 399 -2.45 7.16 -8.75
N VAL A 400 -2.86 6.25 -7.86
CA VAL A 400 -4.10 5.44 -8.09
C VAL A 400 -5.30 6.37 -8.09
N THR A 401 -5.42 7.25 -7.09
CA THR A 401 -6.58 8.16 -6.95
C THR A 401 -6.64 9.17 -8.12
N LEU A 402 -5.53 9.79 -8.51
CA LEU A 402 -5.53 10.78 -9.61
C LEU A 402 -5.88 10.05 -10.91
N THR A 403 -5.38 8.83 -11.12
CA THR A 403 -5.70 8.09 -12.36
C THR A 403 -7.23 7.85 -12.39
N ALA A 404 -7.86 7.53 -11.25
CA ALA A 404 -9.32 7.28 -11.18
C ALA A 404 -10.08 8.59 -11.43
N MET A 405 -9.62 9.70 -10.86
CA MET A 405 -10.25 11.03 -11.10
C MET A 405 -10.18 11.42 -12.57
N GLY A 406 -9.03 11.20 -13.22
CA GLY A 406 -8.86 11.53 -14.65
C GLY A 406 -9.77 10.68 -15.54
N SER A 407 -9.99 9.41 -15.18
CA SER A 407 -10.79 8.42 -15.95
C SER A 407 -12.21 8.95 -16.13
N LEU A 408 -12.72 9.74 -15.17
CA LEU A 408 -14.10 10.29 -15.18
C LEU A 408 -14.39 11.14 -16.44
N TYR A 409 -13.36 11.79 -17.03
CA TYR A 409 -13.48 12.68 -18.21
C TYR A 409 -13.75 11.85 -19.48
N TRP A 410 -13.35 10.58 -19.56
CA TRP A 410 -13.68 9.75 -20.75
C TRP A 410 -14.62 8.60 -20.34
N LEU A 411 -14.57 8.11 -19.11
CA LEU A 411 -15.40 6.93 -18.73
C LEU A 411 -16.86 7.31 -18.45
N LEU A 412 -17.10 8.40 -17.75
CA LEU A 412 -18.47 8.79 -17.36
C LEU A 412 -19.35 9.10 -18.60
N PRO A 413 -18.91 9.88 -19.60
CA PRO A 413 -19.68 10.08 -20.84
C PRO A 413 -20.00 8.74 -21.54
N ASN A 414 -19.01 7.86 -21.60
CA ASN A 414 -19.14 6.51 -22.19
C ASN A 414 -20.25 5.67 -21.50
N LEU A 415 -20.47 5.86 -20.19
CA LEU A 415 -21.44 5.05 -19.39
C LEU A 415 -22.80 5.75 -19.33
N THR A 416 -22.86 7.07 -19.37
CA THR A 416 -24.12 7.81 -19.04
C THR A 416 -24.65 8.62 -20.22
N GLY A 417 -23.81 8.87 -21.23
CA GLY A 417 -24.12 9.80 -22.32
C GLY A 417 -24.12 11.24 -21.88
N LYS A 418 -23.60 11.58 -20.69
CA LYS A 418 -23.61 12.98 -20.18
C LYS A 418 -22.32 13.69 -20.60
N PRO A 419 -22.41 14.86 -21.26
CA PRO A 419 -21.22 15.54 -21.76
C PRO A 419 -20.50 16.26 -20.61
N ILE A 420 -19.20 16.48 -20.76
CA ILE A 420 -18.37 17.33 -19.84
C ILE A 420 -18.29 18.72 -20.48
N SER A 421 -18.77 19.76 -19.82
CA SER A 421 -18.65 21.15 -20.36
C SER A 421 -17.17 21.61 -20.30
N ASP A 422 -16.83 22.63 -21.09
CA ASP A 422 -15.49 23.27 -21.07
C ASP A 422 -15.22 23.78 -19.64
N ALA A 423 -16.24 24.28 -18.93
CA ALA A 423 -16.11 24.77 -17.55
C ALA A 423 -15.72 23.61 -16.61
N GLN A 424 -16.38 22.45 -16.73
CA GLN A 424 -16.11 21.24 -15.90
C GLN A 424 -14.69 20.76 -16.19
N ARG A 425 -14.23 20.87 -17.44
CA ARG A 425 -12.84 20.50 -17.85
C ARG A 425 -11.86 21.37 -17.05
N ARG A 426 -12.07 22.68 -17.03
CA ARG A 426 -11.16 23.66 -16.40
C ARG A 426 -11.16 23.42 -14.89
N LEU A 427 -12.32 23.24 -14.27
CA LEU A 427 -12.44 22.91 -12.83
C LEU A 427 -11.67 21.61 -12.52
N GLY A 428 -11.75 20.58 -13.38
CA GLY A 428 -11.02 19.31 -13.25
C GLY A 428 -9.51 19.51 -13.19
N LEU A 429 -8.98 20.36 -14.07
CA LEU A 429 -7.55 20.75 -14.08
C LEU A 429 -7.13 21.33 -12.73
N ALA A 430 -7.89 22.29 -12.17
CA ALA A 430 -7.60 22.87 -10.85
C ALA A 430 -7.61 21.78 -9.76
N VAL A 431 -8.57 20.86 -9.76
CA VAL A 431 -8.69 19.78 -8.73
C VAL A 431 -7.44 18.91 -8.78
N VAL A 432 -7.05 18.38 -9.96
CA VAL A 432 -5.92 17.42 -10.05
C VAL A 432 -4.59 18.11 -9.68
N TRP A 433 -4.37 19.38 -10.06
CA TRP A 433 -3.15 20.14 -9.66
C TRP A 433 -3.10 20.35 -8.14
N LEU A 434 -4.21 20.73 -7.50
CA LEU A 434 -4.19 21.01 -6.05
C LEU A 434 -4.01 19.69 -5.26
N TRP A 435 -4.67 18.63 -5.71
CA TRP A 435 -4.58 17.30 -5.07
C TRP A 435 -3.11 16.84 -5.16
N PHE A 436 -2.51 16.91 -6.35
CA PHE A 436 -1.11 16.51 -6.57
C PHE A 436 -0.22 17.34 -5.66
N LEU A 437 -0.36 18.66 -5.69
CA LEU A 437 0.55 19.55 -4.93
C LEU A 437 0.40 19.33 -3.42
N GLY A 438 -0.84 19.19 -2.94
CA GLY A 438 -1.14 18.84 -1.53
C GLY A 438 -0.45 17.54 -1.09
N MET A 439 -0.49 16.49 -1.93
CA MET A 439 0.12 15.17 -1.62
C MET A 439 1.65 15.32 -1.57
N MET A 440 2.23 16.13 -2.44
CA MET A 440 3.70 16.37 -2.46
C MET A 440 4.16 17.13 -1.22
N ILE A 441 3.45 18.16 -0.81
CA ILE A 441 3.74 18.91 0.43
C ILE A 441 3.61 18.00 1.65
N MET A 442 2.52 17.25 1.77
CA MET A 442 2.35 16.27 2.89
C MET A 442 3.48 15.23 2.88
N ALA A 443 3.89 14.73 1.72
CA ALA A 443 5.02 13.77 1.61
C ALA A 443 6.29 14.33 2.24
N VAL A 444 6.59 15.63 2.04
CA VAL A 444 7.80 16.25 2.62
C VAL A 444 7.65 16.24 4.12
N GLY A 445 6.47 16.67 4.59
CA GLY A 445 6.24 16.77 6.04
C GLY A 445 6.36 15.42 6.71
N LEU A 446 5.73 14.38 6.15
CA LEU A 446 5.65 13.05 6.81
C LEU A 446 7.00 12.32 6.73
N HIS A 447 7.69 12.32 5.59
CA HIS A 447 9.02 11.66 5.48
C HIS A 447 9.99 12.29 6.48
N TRP A 448 10.01 13.63 6.57
CA TRP A 448 10.92 14.39 7.45
C TRP A 448 10.56 14.17 8.91
N ALA A 449 9.28 14.25 9.28
CA ALA A 449 8.84 13.88 10.64
C ALA A 449 9.25 12.42 10.97
N GLY A 450 9.09 11.45 10.05
CA GLY A 450 9.48 10.03 10.28
C GLY A 450 10.96 9.89 10.64
N LEU A 451 11.84 10.56 9.91
CA LEU A 451 13.30 10.55 10.21
C LEU A 451 13.58 11.21 11.59
N LEU A 452 12.69 12.05 12.13
CA LEU A 452 12.80 12.57 13.51
C LEU A 452 12.06 11.67 14.51
N ASN A 453 11.68 10.46 14.14
CA ASN A 453 11.14 9.45 15.07
C ASN A 453 9.69 9.74 15.49
N VAL A 454 8.96 10.60 14.78
CA VAL A 454 7.52 10.81 15.04
C VAL A 454 6.76 9.55 14.61
N PRO A 455 5.99 8.91 15.53
CA PRO A 455 5.25 7.69 15.19
C PRO A 455 4.06 7.95 14.27
N ARG A 456 3.71 6.94 13.45
CA ARG A 456 2.44 6.91 12.72
C ARG A 456 1.34 6.54 13.71
N ARG A 457 0.08 6.62 13.26
CA ARG A 457 -1.12 6.16 14.01
C ARG A 457 -1.23 6.86 15.37
N ALA A 458 -0.93 8.16 15.45
CA ALA A 458 -0.84 8.81 16.76
C ALA A 458 -1.51 10.20 16.73
N TYR A 459 -2.28 10.45 17.77
CA TYR A 459 -2.99 11.73 18.01
C TYR A 459 -1.97 12.68 18.68
N ILE A 460 -0.93 13.08 17.94
CA ILE A 460 0.25 13.77 18.53
C ILE A 460 -0.15 15.20 18.98
N ALA A 461 -1.23 15.75 18.43
CA ALA A 461 -1.70 17.14 18.75
C ALA A 461 -2.22 17.20 20.18
N GLN A 462 -2.55 16.04 20.77
CA GLN A 462 -2.95 15.90 22.18
C GLN A 462 -1.70 15.85 23.09
N VAL A 463 -0.47 15.70 22.56
CA VAL A 463 0.80 15.78 23.36
C VAL A 463 1.68 16.84 22.71
N PRO A 464 1.28 18.12 22.76
CA PRO A 464 1.90 19.15 21.93
C PRO A 464 3.39 19.49 22.20
N ASP A 465 3.93 19.07 23.35
CA ASP A 465 5.34 19.32 23.75
C ASP A 465 6.22 18.09 23.50
N ALA A 466 5.70 17.00 22.95
CA ALA A 466 6.43 15.71 22.86
C ALA A 466 7.44 15.69 21.71
N TYR A 467 7.26 16.44 20.61
CA TYR A 467 8.10 16.36 19.37
C TYR A 467 8.64 17.73 18.91
N PRO A 468 9.32 18.51 19.80
CA PRO A 468 9.74 19.88 19.50
C PRO A 468 10.66 19.98 18.30
N HIS A 469 11.45 18.95 18.08
CA HIS A 469 12.39 18.79 16.95
C HIS A 469 11.66 18.84 15.59
N ALA A 470 10.36 18.57 15.54
CA ALA A 470 9.61 18.42 14.27
C ALA A 470 8.85 19.70 13.90
N ALA A 471 9.19 20.84 14.51
CA ALA A 471 8.43 22.09 14.30
C ALA A 471 8.38 22.46 12.82
N VAL A 472 9.48 22.33 12.07
CA VAL A 472 9.50 22.80 10.67
C VAL A 472 8.66 21.88 9.77
N PRO A 473 8.87 20.55 9.76
CA PRO A 473 8.00 19.69 8.93
C PRO A 473 6.52 19.79 9.30
N MET A 474 6.21 20.05 10.57
CA MET A 474 4.83 20.25 11.04
C MET A 474 4.16 21.38 10.26
N VAL A 475 4.89 22.44 9.89
CA VAL A 475 4.29 23.57 9.09
C VAL A 475 3.84 23.05 7.72
N PHE A 476 4.64 22.17 7.11
CA PHE A 476 4.25 21.50 5.84
C PHE A 476 2.93 20.73 5.98
N ASN A 477 2.75 19.99 7.07
CA ASN A 477 1.56 19.13 7.29
C ASN A 477 0.33 20.05 7.41
N VAL A 478 0.49 21.22 8.03
CA VAL A 478 -0.66 22.18 8.14
C VAL A 478 -1.01 22.66 6.75
N LEU A 479 -0.02 23.12 5.99
CA LEU A 479 -0.24 23.64 4.62
C LEU A 479 -0.92 22.57 3.74
N ALA A 480 -0.50 21.31 3.82
CA ALA A 480 -1.07 20.19 3.04
C ALA A 480 -2.54 19.97 3.43
N GLY A 481 -2.83 20.00 4.72
CA GLY A 481 -4.21 19.83 5.23
C GLY A 481 -5.19 20.83 4.61
N ILE A 482 -4.78 22.10 4.50
CA ILE A 482 -5.58 23.22 3.92
C ILE A 482 -5.71 23.06 2.41
N VAL A 483 -4.61 22.82 1.73
CA VAL A 483 -4.64 22.61 0.26
C VAL A 483 -5.55 21.43 -0.09
N LEU A 484 -5.46 20.33 0.64
CA LEU A 484 -6.22 19.10 0.28
C LEU A 484 -7.70 19.28 0.67
N LEU A 485 -7.99 20.04 1.72
CA LEU A 485 -9.38 20.35 2.07
C LEU A 485 -10.00 21.10 0.88
N VAL A 486 -9.28 22.07 0.31
CA VAL A 486 -9.82 22.85 -0.83
C VAL A 486 -10.02 21.90 -2.04
N ALA A 487 -9.00 21.09 -2.38
CA ALA A 487 -9.09 20.13 -3.51
C ALA A 487 -10.31 19.24 -3.31
N LEU A 488 -10.56 18.78 -2.09
CA LEU A 488 -11.65 17.81 -1.81
C LEU A 488 -12.99 18.51 -2.05
N LEU A 489 -13.16 19.74 -1.58
CA LEU A 489 -14.45 20.47 -1.75
C LEU A 489 -14.71 20.79 -3.23
N LEU A 490 -13.71 21.22 -3.98
CA LEU A 490 -13.83 21.42 -5.45
C LEU A 490 -14.17 20.09 -6.15
N PHE A 491 -13.57 18.97 -5.76
CA PHE A 491 -13.85 17.65 -6.34
C PHE A 491 -15.33 17.31 -6.12
N ILE A 492 -15.83 17.50 -4.90
CA ILE A 492 -17.25 17.17 -4.55
C ILE A 492 -18.17 17.99 -5.46
N TYR A 493 -17.93 19.28 -5.57
CA TYR A 493 -18.75 20.18 -6.42
C TYR A 493 -18.71 19.68 -7.88
N GLY A 494 -17.54 19.39 -8.43
CA GLY A 494 -17.43 18.95 -9.84
C GLY A 494 -18.12 17.62 -10.09
N LEU A 495 -18.01 16.66 -9.16
CA LEU A 495 -18.48 15.27 -9.45
C LEU A 495 -20.01 15.34 -9.53
N PHE A 496 -20.62 16.01 -8.57
CA PHE A 496 -22.10 16.13 -8.50
C PHE A 496 -22.63 17.08 -9.59
N SER A 497 -21.88 18.10 -10.02
CA SER A 497 -22.24 18.91 -11.22
C SER A 497 -22.44 17.97 -12.40
N VAL A 498 -21.57 16.98 -12.56
CA VAL A 498 -21.62 16.05 -13.73
C VAL A 498 -22.78 15.08 -13.52
N LEU A 499 -22.81 14.32 -12.42
CA LEU A 499 -23.82 13.26 -12.16
C LEU A 499 -25.25 13.84 -12.23
N LEU A 500 -25.50 15.03 -11.68
CA LEU A 500 -26.88 15.60 -11.51
C LEU A 500 -27.27 16.54 -12.65
N SER A 501 -26.46 16.64 -13.71
CA SER A 501 -26.76 17.48 -14.91
C SER A 501 -27.85 16.80 -15.74
N ARG A 502 -28.70 17.58 -16.41
CA ARG A 502 -29.92 17.07 -17.13
C ARG A 502 -29.55 16.62 -18.55
N GLU A 503 -28.68 17.37 -19.23
CA GLU A 503 -28.26 17.14 -20.64
C GLU A 503 -27.79 15.69 -20.80
N ARG A 504 -28.19 15.05 -21.90
CA ARG A 504 -27.72 13.69 -22.26
C ARG A 504 -27.62 13.61 -23.78
N LYS A 505 -26.57 12.95 -24.27
CA LYS A 505 -26.25 12.75 -25.71
C LYS A 505 -25.91 11.27 -25.89
N PRO A 506 -26.93 10.40 -26.15
CA PRO A 506 -26.73 8.96 -26.19
C PRO A 506 -25.61 8.47 -27.09
N GLU A 507 -25.28 9.23 -28.14
CA GLU A 507 -24.17 8.91 -29.05
C GLU A 507 -22.84 8.98 -28.29
N LEU A 508 -22.72 9.73 -27.17
CA LEU A 508 -21.49 9.66 -26.34
C LEU A 508 -21.43 8.27 -25.70
N ALA A 509 -22.59 7.71 -25.33
CA ALA A 509 -22.70 6.40 -24.64
C ALA A 509 -22.37 5.25 -25.60
N GLU A 510 -22.49 5.45 -26.91
CA GLU A 510 -22.23 4.38 -27.91
C GLU A 510 -20.86 4.57 -28.58
N ALA A 511 -20.17 5.68 -28.30
CA ALA A 511 -18.82 5.94 -28.82
C ALA A 511 -17.88 4.83 -28.31
N PRO A 512 -16.84 4.45 -29.05
CA PRO A 512 -15.91 3.46 -28.54
C PRO A 512 -14.95 4.06 -27.50
N LEU A 513 -14.35 3.20 -26.66
CA LEU A 513 -13.36 3.65 -25.67
C LEU A 513 -12.10 4.09 -26.42
N PRO A 514 -11.33 5.04 -25.87
CA PRO A 514 -10.09 5.50 -26.51
C PRO A 514 -8.85 4.60 -26.31
N PHE A 515 -8.95 3.33 -26.71
CA PHE A 515 -7.83 2.36 -26.66
C PHE A 515 -6.75 2.85 -27.63
N ALA A 516 -5.50 2.81 -27.21
CA ALA A 516 -4.33 3.18 -28.03
C ALA A 516 -4.07 2.11 -29.11
N GLU A 517 -3.52 2.54 -30.22
CA GLU A 517 -2.78 1.65 -31.13
C GLU A 517 -1.41 1.33 -30.55
N VAL A 518 -0.87 0.21 -30.97
CA VAL A 518 0.48 -0.30 -30.60
C VAL A 518 1.39 -0.24 -31.83
N ILE A 519 2.68 0.04 -31.63
CA ILE A 519 3.75 -0.18 -32.66
C ILE A 519 4.22 -1.63 -32.50
N SER A 520 4.18 -2.41 -33.58
CA SER A 520 4.58 -3.84 -33.59
C SER A 520 6.02 -3.96 -34.10
N GLY A 521 6.71 -5.03 -33.69
CA GLY A 521 8.01 -5.45 -34.22
C GLY A 521 8.01 -6.94 -34.55
N PRO A 522 9.06 -7.45 -35.26
CA PRO A 522 9.13 -8.86 -35.65
C PRO A 522 9.18 -9.82 -34.45
N GLU A 523 9.82 -9.37 -33.35
CA GLU A 523 9.99 -10.07 -32.04
C GLU A 523 8.65 -10.56 -31.48
N ASP A 524 7.59 -9.74 -31.65
CA ASP A 524 6.43 -9.70 -30.72
C ASP A 524 5.71 -11.04 -30.63
N ARG A 525 5.41 -11.63 -31.79
CA ARG A 525 4.66 -12.90 -31.92
C ARG A 525 5.23 -13.94 -30.95
N ARG A 526 6.55 -14.14 -31.02
CA ARG A 526 7.25 -15.22 -30.27
C ARG A 526 7.13 -14.94 -28.76
N LEU A 527 7.35 -13.68 -28.33
CA LEU A 527 7.37 -13.30 -26.89
C LEU A 527 5.96 -13.56 -26.32
N VAL A 528 4.94 -13.12 -27.06
CA VAL A 528 3.51 -13.15 -26.62
C VAL A 528 3.01 -14.60 -26.51
N LEU A 529 3.47 -15.53 -27.36
CA LEU A 529 3.04 -16.95 -27.25
C LEU A 529 3.51 -17.54 -25.90
N ALA A 530 4.79 -17.44 -25.60
CA ALA A 530 5.37 -17.91 -24.33
C ALA A 530 4.60 -17.31 -23.14
N MET A 531 4.15 -16.05 -23.22
CA MET A 531 3.45 -15.36 -22.10
C MET A 531 1.97 -15.73 -22.05
N ASP A 532 1.44 -16.31 -23.16
CA ASP A 532 0.02 -16.70 -23.29
C ASP A 532 -0.24 -18.07 -22.65
N ARG A 533 0.79 -18.72 -22.10
CA ARG A 533 0.64 -20.01 -21.37
C ARG A 533 0.20 -19.78 -19.91
N ILE A 534 -0.98 -19.25 -19.71
CA ILE A 534 -1.43 -18.66 -18.41
C ILE A 534 -1.54 -19.80 -17.38
N GLY A 535 -1.88 -21.04 -17.80
CA GLY A 535 -1.97 -22.20 -16.90
C GLY A 535 -0.65 -22.51 -16.25
N PHE A 536 0.38 -22.52 -17.08
CA PHE A 536 1.76 -22.72 -16.64
C PHE A 536 2.16 -21.62 -15.62
N TRP A 537 2.02 -20.34 -15.97
CA TRP A 537 2.53 -19.23 -15.12
C TRP A 537 1.78 -19.19 -13.80
N PHE A 538 0.48 -19.50 -13.79
CA PHE A 538 -0.36 -19.60 -12.58
C PHE A 538 0.23 -20.69 -11.65
N ALA A 539 0.57 -21.87 -12.20
CA ALA A 539 1.20 -23.00 -11.47
C ALA A 539 2.43 -22.48 -10.76
N VAL A 540 3.29 -21.77 -11.48
CA VAL A 540 4.60 -21.29 -10.98
C VAL A 540 4.34 -20.27 -9.84
N ALA A 541 3.29 -19.47 -9.96
CA ALA A 541 2.99 -18.37 -9.00
C ALA A 541 2.56 -19.04 -7.71
N ALA A 542 1.68 -20.06 -7.82
CA ALA A 542 1.15 -20.88 -6.69
C ALA A 542 2.29 -21.55 -5.90
N ILE A 543 3.26 -22.11 -6.60
CA ILE A 543 4.36 -22.88 -5.99
C ILE A 543 5.28 -21.91 -5.25
N LEU A 544 5.51 -20.71 -5.78
CA LEU A 544 6.33 -19.68 -5.09
C LEU A 544 5.68 -19.34 -3.74
N VAL A 545 4.35 -19.27 -3.65
CA VAL A 545 3.65 -18.92 -2.38
C VAL A 545 3.83 -20.07 -1.39
N VAL A 546 3.72 -21.33 -1.87
CA VAL A 546 3.97 -22.53 -1.02
C VAL A 546 5.36 -22.48 -0.44
N LEU A 547 6.40 -22.29 -1.23
CA LEU A 547 7.81 -22.26 -0.75
C LEU A 547 8.07 -21.06 0.18
N ALA A 548 7.44 -19.90 -0.06
CA ALA A 548 7.76 -18.64 0.66
C ALA A 548 7.08 -18.63 2.02
N TYR A 549 5.87 -19.21 2.12
CA TYR A 549 5.03 -19.21 3.35
C TYR A 549 5.08 -20.55 4.10
N GLY A 550 5.19 -21.66 3.37
CA GLY A 550 4.79 -22.99 3.91
C GLY A 550 5.58 -23.34 5.17
N PRO A 551 6.93 -23.31 5.09
CA PRO A 551 7.79 -23.67 6.22
C PRO A 551 7.55 -22.84 7.50
N THR A 552 7.37 -21.51 7.38
CA THR A 552 7.07 -20.66 8.55
C THR A 552 5.71 -21.05 9.12
N LEU A 553 4.69 -21.23 8.27
CA LEU A 553 3.31 -21.49 8.70
C LEU A 553 3.24 -22.86 9.40
N VAL A 554 3.91 -23.90 8.87
CA VAL A 554 4.06 -25.22 9.58
C VAL A 554 4.57 -24.96 11.01
N GLN A 555 5.71 -24.27 11.15
CA GLN A 555 6.29 -23.85 12.45
C GLN A 555 5.25 -23.19 13.36
N LEU A 556 4.54 -22.16 12.86
CA LEU A 556 3.61 -21.34 13.68
C LEU A 556 2.41 -22.18 14.10
N PHE A 557 1.79 -22.92 13.18
CA PHE A 557 0.55 -23.70 13.46
C PHE A 557 0.87 -24.85 14.41
N GLY A 558 2.12 -25.31 14.45
CA GLY A 558 2.57 -26.37 15.37
C GLY A 558 2.72 -25.84 16.80
N HIS A 559 2.87 -24.52 16.98
CA HIS A 559 3.19 -23.87 18.28
C HIS A 559 2.19 -22.74 18.60
N LEU A 560 0.89 -22.95 18.37
CA LEU A 560 -0.15 -21.91 18.55
C LEU A 560 -0.17 -21.45 20.01
N ASN A 561 -0.25 -20.15 20.25
CA ASN A 561 -0.40 -19.57 21.60
C ASN A 561 -1.48 -18.51 21.55
N PRO A 562 -2.77 -18.94 21.55
CA PRO A 562 -3.89 -18.01 21.55
C PRO A 562 -3.95 -17.20 22.84
N VAL A 563 -4.37 -15.94 22.73
CA VAL A 563 -4.36 -15.02 23.93
C VAL A 563 -5.69 -14.30 23.93
N PRO A 564 -6.18 -13.83 25.10
CA PRO A 564 -7.48 -13.19 25.16
C PRO A 564 -7.57 -11.84 24.40
N GLY A 565 -8.81 -11.49 24.02
CA GLY A 565 -9.19 -10.23 23.36
C GLY A 565 -9.26 -9.05 24.31
N TRP A 566 -9.02 -7.83 23.80
CA TRP A 566 -9.10 -6.58 24.60
C TRP A 566 -9.88 -5.54 23.81
N ARG A 567 -10.66 -4.74 24.51
CA ARG A 567 -11.24 -3.49 24.00
C ARG A 567 -10.59 -2.35 24.76
N LEU A 568 -9.78 -1.53 24.09
CA LEU A 568 -9.12 -0.39 24.74
C LEU A 568 -9.51 0.88 24.00
N TRP A 569 -10.80 1.07 23.86
CA TRP A 569 -11.39 2.32 23.33
C TRP A 569 -12.80 2.43 23.94
N VAL B 2 11.05 2.46 -40.96
CA VAL B 2 10.43 3.82 -41.01
C VAL B 2 10.41 4.41 -39.59
N ASP B 3 10.09 5.70 -39.49
CA ASP B 3 9.90 6.45 -38.22
C ASP B 3 9.45 5.47 -37.12
N GLU B 4 8.21 4.96 -37.17
CA GLU B 4 7.61 4.10 -36.10
C GLU B 4 8.50 2.89 -35.80
N HIS B 5 8.94 2.21 -36.86
CA HIS B 5 9.68 0.92 -36.77
C HIS B 5 11.11 1.17 -36.28
N LYS B 6 11.69 2.29 -36.70
CA LYS B 6 13.01 2.72 -36.23
C LYS B 6 12.91 3.02 -34.74
N ALA B 7 11.88 3.76 -34.34
CA ALA B 7 11.67 4.25 -32.95
C ALA B 7 11.52 3.03 -32.05
N HIS B 8 10.75 2.05 -32.51
CA HIS B 8 10.44 0.81 -31.76
C HIS B 8 11.74 0.05 -31.51
N LYS B 9 12.62 -0.05 -32.50
CA LYS B 9 13.89 -0.82 -32.39
C LYS B 9 14.83 -0.07 -31.43
N ALA B 10 14.95 1.26 -31.55
CA ALA B 10 15.80 2.12 -30.69
C ALA B 10 15.27 2.09 -29.24
N ILE B 11 13.96 2.10 -29.06
CA ILE B 11 13.33 2.09 -27.71
C ILE B 11 13.68 0.76 -27.03
N LEU B 12 13.44 -0.38 -27.67
CA LEU B 12 13.74 -1.70 -27.07
C LEU B 12 15.24 -1.86 -26.80
N ALA B 13 16.13 -1.36 -27.66
CA ALA B 13 17.61 -1.43 -27.48
C ALA B 13 18.02 -0.78 -26.16
N TYR B 14 17.57 0.46 -25.92
CA TYR B 14 17.92 1.21 -24.69
C TYR B 14 17.22 0.56 -23.48
N GLU B 15 16.04 -0.01 -23.66
CA GLU B 15 15.27 -0.63 -22.55
C GLU B 15 16.01 -1.86 -22.02
N LYS B 16 16.67 -2.62 -22.90
CA LYS B 16 17.52 -3.78 -22.52
C LYS B 16 18.68 -3.32 -21.62
N GLY B 17 19.35 -2.24 -21.98
CA GLY B 17 20.43 -1.64 -21.19
C GLY B 17 19.93 -1.20 -19.81
N TRP B 18 18.81 -0.50 -19.76
CA TRP B 18 18.17 -0.01 -18.50
C TRP B 18 17.88 -1.21 -17.60
N LEU B 19 17.36 -2.31 -18.16
CA LEU B 19 16.98 -3.48 -17.35
C LEU B 19 18.23 -4.18 -16.78
N ALA B 20 19.35 -4.24 -17.52
CA ALA B 20 20.62 -4.80 -17.03
C ALA B 20 21.18 -3.89 -15.92
N PHE B 21 21.16 -2.59 -16.13
CA PHE B 21 21.58 -1.60 -15.10
C PHE B 21 20.71 -1.77 -13.83
N SER B 22 19.39 -1.87 -14.00
CA SER B 22 18.39 -2.04 -12.89
C SER B 22 18.78 -3.24 -12.05
N LEU B 23 19.03 -4.39 -12.70
CA LEU B 23 19.39 -5.66 -12.03
C LEU B 23 20.70 -5.45 -11.28
N ALA B 24 21.70 -4.85 -11.94
CA ALA B 24 23.03 -4.58 -11.32
C ALA B 24 22.85 -3.77 -10.02
N MET B 25 22.03 -2.72 -10.06
CA MET B 25 21.83 -1.83 -8.90
C MET B 25 21.18 -2.60 -7.74
N LEU B 26 20.15 -3.39 -8.03
CA LEU B 26 19.39 -4.15 -7.02
C LEU B 26 20.34 -5.19 -6.38
N PHE B 27 21.24 -5.81 -7.18
CA PHE B 27 22.26 -6.76 -6.68
C PHE B 27 23.25 -6.07 -5.73
N VAL B 28 23.69 -4.87 -6.06
CA VAL B 28 24.59 -4.10 -5.18
C VAL B 28 23.84 -3.79 -3.85
N PHE B 29 22.55 -3.44 -3.88
CA PHE B 29 21.78 -3.21 -2.63
C PHE B 29 21.75 -4.51 -1.79
N ILE B 30 21.53 -5.67 -2.41
CA ILE B 30 21.51 -6.99 -1.71
C ILE B 30 22.87 -7.23 -1.01
N ALA B 31 23.98 -6.83 -1.63
CA ALA B 31 25.33 -7.03 -1.06
C ALA B 31 25.52 -6.10 0.13
N LEU B 32 25.03 -4.88 0.02
CA LEU B 32 25.16 -3.88 1.10
C LEU B 32 24.26 -4.28 2.30
N ILE B 33 23.09 -4.86 2.05
CA ILE B 33 22.21 -5.42 3.13
C ILE B 33 22.90 -6.63 3.80
N ALA B 34 23.42 -7.57 3.01
CA ALA B 34 24.13 -8.75 3.58
C ALA B 34 25.29 -8.28 4.48
N TYR B 35 26.06 -7.26 4.10
CA TYR B 35 27.13 -6.67 4.97
C TYR B 35 26.56 -6.26 6.35
N THR B 36 25.38 -5.61 6.43
CA THR B 36 24.81 -5.18 7.76
C THR B 36 24.59 -6.43 8.61
N LEU B 37 24.20 -7.55 8.00
CA LEU B 37 23.85 -8.79 8.76
C LEU B 37 25.08 -9.43 9.41
N ALA B 38 26.29 -9.08 9.00
CA ALA B 38 27.57 -9.70 9.45
C ALA B 38 28.28 -8.77 10.45
N THR B 39 27.68 -7.62 10.81
CA THR B 39 28.23 -6.65 11.80
C THR B 39 27.42 -6.67 13.09
N HIS B 40 27.90 -5.92 14.08
CA HIS B 40 27.24 -5.71 15.39
C HIS B 40 25.85 -5.04 15.20
N THR B 41 25.64 -4.29 14.13
CA THR B 41 24.38 -3.53 13.86
C THR B 41 23.20 -4.48 13.67
N ALA B 42 23.44 -5.76 13.39
CA ALA B 42 22.42 -6.82 13.21
C ALA B 42 21.78 -7.26 14.55
N GLY B 43 22.33 -6.92 15.71
CA GLY B 43 21.75 -7.36 16.98
C GLY B 43 20.33 -6.81 17.19
N VAL B 44 19.91 -5.75 16.49
CA VAL B 44 18.51 -5.21 16.60
C VAL B 44 17.52 -6.08 15.83
N ILE B 45 17.97 -7.07 15.04
CA ILE B 45 17.00 -8.00 14.39
C ILE B 45 16.41 -8.89 15.47
N PRO B 46 15.07 -8.99 15.66
CA PRO B 46 14.55 -9.85 16.73
C PRO B 46 14.93 -11.33 16.53
N ALA B 47 15.19 -12.04 17.63
CA ALA B 47 15.42 -13.51 17.67
C ALA B 47 14.28 -14.19 16.93
N GLY B 48 14.62 -15.15 16.06
CA GLY B 48 13.63 -15.96 15.33
C GLY B 48 13.01 -17.07 16.15
N LYS B 49 13.50 -17.35 17.33
CA LYS B 49 13.05 -18.50 18.17
C LYS B 49 11.65 -18.17 18.72
N LEU B 50 10.73 -19.13 18.76
CA LEU B 50 9.43 -18.92 19.45
C LEU B 50 9.67 -19.13 20.95
N GLU B 51 9.44 -18.09 21.75
CA GLU B 51 9.56 -18.13 23.23
C GLU B 51 8.18 -17.77 23.78
N ARG B 52 7.39 -18.78 24.09
CA ARG B 52 5.98 -18.59 24.46
C ARG B 52 5.90 -18.31 25.95
N VAL B 53 4.99 -17.42 26.34
CA VAL B 53 4.70 -17.06 27.74
C VAL B 53 3.20 -16.87 27.84
N ASP B 54 2.68 -16.95 29.04
CA ASP B 54 1.24 -16.70 29.28
C ASP B 54 1.07 -15.24 29.71
N PRO B 55 0.41 -14.40 28.88
CA PRO B 55 0.26 -12.98 29.23
C PRO B 55 -0.57 -12.78 30.50
N THR B 56 -1.37 -13.78 30.91
CA THR B 56 -2.26 -13.66 32.10
C THR B 56 -1.44 -13.81 33.40
N THR B 57 -0.23 -14.36 33.37
CA THR B 57 0.53 -14.63 34.62
C THR B 57 1.85 -13.86 34.65
N VAL B 58 2.23 -13.15 33.59
CA VAL B 58 3.58 -12.51 33.45
C VAL B 58 3.76 -11.44 34.55
N ARG B 59 2.71 -10.85 35.08
CA ARG B 59 2.85 -9.84 36.17
C ARG B 59 2.87 -10.50 37.57
N GLN B 60 2.65 -11.81 37.63
CA GLN B 60 2.45 -12.53 38.93
C GLN B 60 3.66 -13.42 39.21
N GLU B 61 4.24 -14.03 38.19
CA GLU B 61 5.26 -15.08 38.39
C GLU B 61 6.31 -15.00 37.30
N GLY B 62 7.58 -15.11 37.67
CA GLY B 62 8.69 -15.21 36.72
C GLY B 62 9.38 -13.87 36.60
N PRO B 63 10.20 -13.69 35.56
CA PRO B 63 11.17 -12.61 35.52
C PRO B 63 10.61 -11.20 35.27
N TRP B 64 9.36 -11.05 34.83
CA TRP B 64 8.75 -9.70 34.64
C TRP B 64 7.99 -9.28 35.91
N ALA B 65 7.87 -10.12 36.95
CA ALA B 65 6.91 -9.90 38.06
C ALA B 65 7.48 -8.88 39.06
N ASP B 66 8.81 -8.71 39.11
CA ASP B 66 9.45 -7.68 39.98
C ASP B 66 10.32 -6.77 39.14
N PRO B 67 9.82 -5.57 38.74
CA PRO B 67 10.57 -4.69 37.85
C PRO B 67 11.92 -4.24 38.42
N ALA B 68 12.06 -4.20 39.75
CA ALA B 68 13.28 -3.72 40.44
C ALA B 68 14.42 -4.77 40.32
N GLN B 69 14.10 -6.01 39.96
CA GLN B 69 15.10 -7.08 39.70
C GLN B 69 15.10 -7.46 38.22
N ALA B 70 14.66 -6.55 37.33
CA ALA B 70 14.57 -6.78 35.86
C ALA B 70 15.94 -6.77 35.18
N VAL B 71 16.95 -6.11 35.74
CA VAL B 71 18.29 -5.97 35.09
C VAL B 71 19.19 -7.01 35.73
N VAL B 72 19.59 -8.02 34.96
CA VAL B 72 20.35 -9.22 35.42
C VAL B 72 21.68 -9.29 34.64
N GLN B 73 22.82 -9.36 35.32
CA GLN B 73 24.13 -9.59 34.66
C GLN B 73 24.19 -11.05 34.25
N THR B 74 24.34 -11.30 32.94
CA THR B 74 24.35 -12.64 32.31
C THR B 74 25.73 -12.91 31.68
N GLY B 75 26.68 -12.01 31.84
CA GLY B 75 27.99 -12.08 31.15
C GLY B 75 28.91 -10.98 31.66
N PRO B 76 30.24 -11.08 31.40
CA PRO B 76 31.20 -10.18 32.02
C PRO B 76 30.96 -8.72 31.62
N ASN B 77 30.48 -8.51 30.39
CA ASN B 77 30.08 -7.17 29.90
C ASN B 77 28.69 -7.27 29.23
N GLN B 78 27.79 -8.08 29.79
CA GLN B 78 26.43 -8.35 29.25
C GLN B 78 25.38 -8.23 30.36
N TYR B 79 24.29 -7.50 30.07
CA TYR B 79 23.08 -7.48 30.93
C TYR B 79 21.84 -7.85 30.12
N THR B 80 20.98 -8.62 30.75
CA THR B 80 19.66 -9.01 30.23
C THR B 80 18.64 -8.18 31.02
N VAL B 81 17.75 -7.48 30.30
CA VAL B 81 16.67 -6.65 30.89
C VAL B 81 15.32 -7.23 30.49
N TYR B 82 14.51 -7.57 31.48
CA TYR B 82 13.11 -8.01 31.29
C TYR B 82 12.17 -6.78 31.32
N VAL B 83 11.65 -6.40 30.15
CA VAL B 83 10.80 -5.20 29.96
C VAL B 83 9.38 -5.65 29.69
N LEU B 84 8.47 -5.05 30.43
CA LEU B 84 7.02 -5.20 30.17
C LEU B 84 6.51 -3.93 29.47
N ALA B 85 5.90 -4.08 28.31
CA ALA B 85 5.12 -3.05 27.59
C ALA B 85 3.64 -3.34 27.81
N PHE B 86 2.85 -2.40 28.36
CA PHE B 86 1.45 -2.70 28.77
C PHE B 86 0.63 -1.42 28.53
N ALA B 87 -0.68 -1.50 28.58
CA ALA B 87 -1.55 -0.30 28.47
C ALA B 87 -1.50 0.52 29.77
N PHE B 88 -0.85 1.71 29.82
CA PHE B 88 -0.10 2.36 28.78
C PHE B 88 1.21 2.86 29.38
N GLY B 89 2.20 2.00 29.38
CA GLY B 89 3.51 2.35 29.96
C GLY B 89 4.49 1.22 29.82
N TYR B 90 5.68 1.44 30.37
CA TYR B 90 6.75 0.41 30.40
C TYR B 90 7.28 0.28 31.84
N GLN B 91 7.65 -0.95 32.22
CA GLN B 91 8.29 -1.30 33.51
C GLN B 91 9.53 -2.13 33.16
N PRO B 92 10.69 -1.89 33.81
CA PRO B 92 10.83 -0.84 34.83
C PRO B 92 10.81 0.54 34.17
N ASN B 93 10.62 1.55 34.99
CA ASN B 93 10.73 2.96 34.53
C ASN B 93 11.38 3.81 35.62
N PRO B 94 12.62 4.30 35.48
CA PRO B 94 13.44 4.07 34.29
C PRO B 94 14.10 2.70 34.19
N ILE B 95 14.51 2.31 32.99
CA ILE B 95 15.50 1.21 32.78
C ILE B 95 16.90 1.83 32.98
N GLU B 96 17.73 1.27 33.85
CA GLU B 96 19.08 1.82 34.16
C GLU B 96 20.14 0.81 33.74
N VAL B 97 21.01 1.16 32.80
CA VAL B 97 22.05 0.22 32.30
C VAL B 97 23.37 0.98 32.15
N PRO B 98 24.52 0.25 32.16
CA PRO B 98 25.82 0.90 31.98
C PRO B 98 26.15 1.13 30.50
N GLN B 99 26.82 2.24 30.23
CA GLN B 99 27.43 2.55 28.91
C GLN B 99 28.40 1.40 28.58
N GLY B 100 28.50 1.06 27.30
CA GLY B 100 29.57 0.17 26.80
C GLY B 100 29.25 -1.29 26.98
N ALA B 101 28.19 -1.69 27.69
CA ALA B 101 27.90 -3.13 27.82
C ALA B 101 26.89 -3.54 26.75
N GLU B 102 26.91 -4.81 26.41
CA GLU B 102 25.88 -5.41 25.54
C GLU B 102 24.59 -5.61 26.38
N ILE B 103 23.49 -5.06 25.91
CA ILE B 103 22.16 -5.19 26.57
C ILE B 103 21.30 -6.11 25.73
N VAL B 104 20.78 -7.15 26.35
CA VAL B 104 19.77 -8.04 25.74
C VAL B 104 18.40 -7.66 26.34
N PHE B 105 17.56 -7.00 25.55
CA PHE B 105 16.15 -6.69 25.89
C PHE B 105 15.28 -7.90 25.60
N LYS B 106 14.55 -8.35 26.64
CA LYS B 106 13.50 -9.38 26.54
C LYS B 106 12.18 -8.69 26.86
N ILE B 107 11.41 -8.34 25.82
CA ILE B 107 10.17 -7.54 25.99
C ILE B 107 8.93 -8.43 25.77
N THR B 108 7.92 -8.30 26.59
CA THR B 108 6.58 -8.89 26.28
C THR B 108 5.47 -7.97 26.77
N SER B 109 4.22 -8.34 26.49
CA SER B 109 3.00 -7.56 26.72
C SER B 109 2.01 -8.44 27.46
N PRO B 110 1.32 -7.93 28.50
CA PRO B 110 0.22 -8.65 29.12
C PRO B 110 -1.15 -8.43 28.48
N ASP B 111 -1.26 -7.60 27.44
CA ASP B 111 -2.57 -7.14 26.92
C ASP B 111 -2.58 -7.20 25.38
N VAL B 112 -2.18 -6.12 24.70
CA VAL B 112 -2.26 -5.99 23.22
C VAL B 112 -0.87 -5.76 22.64
N ILE B 113 -0.77 -5.65 21.32
CA ILE B 113 0.52 -5.34 20.66
C ILE B 113 0.92 -3.89 21.00
N HIS B 114 2.20 -3.72 21.32
CA HIS B 114 2.85 -2.41 21.50
C HIS B 114 4.08 -2.33 20.61
N GLY B 115 4.58 -1.12 20.42
CA GLY B 115 5.91 -0.97 19.82
C GLY B 115 6.93 -0.66 20.88
N PHE B 116 8.19 -0.92 20.59
CA PHE B 116 9.35 -0.57 21.46
C PHE B 116 10.39 0.05 20.54
N HIS B 117 10.34 1.35 20.43
CA HIS B 117 11.22 2.18 19.58
C HIS B 117 12.05 3.13 20.46
N VAL B 118 13.36 2.94 20.52
CA VAL B 118 14.28 3.76 21.37
C VAL B 118 14.87 4.87 20.50
N GLU B 119 14.42 6.08 20.77
CA GLU B 119 14.78 7.29 20.00
C GLU B 119 16.30 7.43 19.98
N GLY B 120 16.89 7.63 18.80
CA GLY B 120 18.34 7.76 18.59
C GLY B 120 19.03 6.44 18.31
N THR B 121 18.32 5.32 18.29
CA THR B 121 18.91 3.98 18.06
C THR B 121 18.14 3.31 16.91
N ASN B 122 18.59 2.14 16.50
CA ASN B 122 17.88 1.25 15.55
C ASN B 122 16.99 0.24 16.29
N ILE B 123 16.81 0.35 17.60
CA ILE B 123 15.88 -0.53 18.34
C ILE B 123 14.45 -0.10 18.00
N ASN B 124 13.71 -1.00 17.34
CA ASN B 124 12.38 -0.71 16.76
C ASN B 124 11.68 -2.05 16.52
N VAL B 125 10.98 -2.53 17.53
CA VAL B 125 10.49 -3.95 17.56
C VAL B 125 9.02 -3.96 18.04
N GLU B 126 8.22 -4.77 17.40
CA GLU B 126 6.82 -5.02 17.78
C GLU B 126 6.83 -5.99 18.98
N VAL B 127 5.89 -5.79 19.89
CA VAL B 127 5.84 -6.58 21.15
C VAL B 127 4.50 -7.28 21.15
N LEU B 128 4.50 -8.61 21.03
CA LEU B 128 3.24 -9.41 20.92
C LEU B 128 2.94 -10.07 22.25
N PRO B 129 1.68 -10.03 22.74
CA PRO B 129 1.32 -10.79 23.93
C PRO B 129 1.47 -12.30 23.67
N GLY B 130 2.03 -13.03 24.64
CA GLY B 130 2.31 -14.49 24.49
C GLY B 130 3.66 -14.80 23.83
N GLU B 131 4.37 -13.77 23.37
CA GLU B 131 5.70 -13.93 22.72
C GLU B 131 6.70 -12.98 23.37
N VAL B 132 7.97 -13.37 23.38
CA VAL B 132 9.11 -12.54 23.85
C VAL B 132 9.86 -12.01 22.65
N SER B 133 9.96 -10.70 22.57
CA SER B 133 10.83 -10.01 21.60
C SER B 133 12.21 -9.84 22.22
N THR B 134 13.24 -10.39 21.56
CA THR B 134 14.61 -10.34 22.06
C THR B 134 15.45 -9.58 21.04
N VAL B 135 16.08 -8.52 21.49
CA VAL B 135 16.99 -7.69 20.65
C VAL B 135 18.19 -7.33 21.50
N ARG B 136 19.29 -6.96 20.85
CA ARG B 136 20.58 -6.63 21.50
C ARG B 136 21.08 -5.29 20.99
N TYR B 137 21.62 -4.48 21.88
CA TYR B 137 22.18 -3.18 21.53
C TYR B 137 23.25 -2.82 22.55
N THR B 138 24.31 -2.15 22.10
CA THR B 138 25.31 -1.53 23.00
C THR B 138 25.17 -0.01 22.91
N PHE B 139 24.91 0.64 24.03
CA PHE B 139 24.87 2.11 24.13
C PHE B 139 26.29 2.65 24.27
N LYS B 140 26.66 3.53 23.36
CA LYS B 140 28.01 4.13 23.26
C LYS B 140 28.04 5.44 24.06
N ARG B 141 26.91 6.11 24.19
CA ARG B 141 26.80 7.46 24.81
C ARG B 141 25.89 7.36 26.02
N PRO B 142 26.31 7.89 27.19
CA PRO B 142 25.44 7.96 28.35
C PRO B 142 24.41 9.09 28.18
N GLY B 143 23.37 9.06 28.99
CA GLY B 143 22.27 10.04 28.97
C GLY B 143 20.92 9.34 28.99
N GLU B 144 19.88 10.07 28.68
CA GLU B 144 18.48 9.61 28.78
C GLU B 144 17.98 9.38 27.38
N TYR B 145 17.43 8.20 27.11
CA TYR B 145 16.82 7.83 25.80
C TYR B 145 15.31 7.57 26.00
N ARG B 146 14.47 8.20 25.19
CA ARG B 146 13.00 8.00 25.27
C ARG B 146 12.60 6.68 24.55
N ILE B 147 11.70 5.90 25.15
CA ILE B 147 11.00 4.78 24.47
C ILE B 147 9.64 5.29 23.99
N ILE B 148 9.35 5.08 22.71
CA ILE B 148 8.09 5.50 22.07
C ILE B 148 7.28 4.25 21.76
N CYS B 149 6.01 4.21 22.10
CA CYS B 149 5.11 3.17 21.56
C CYS B 149 4.71 3.55 20.14
N ASN B 150 5.12 2.78 19.13
CA ASN B 150 4.80 3.18 17.72
C ASN B 150 3.85 2.17 17.09
N GLN B 151 3.15 1.34 17.88
CA GLN B 151 2.02 0.48 17.40
C GLN B 151 0.75 0.87 18.17
N TYR B 152 -0.27 1.21 17.37
CA TYR B 152 -1.61 1.64 17.88
C TYR B 152 -2.12 0.55 18.83
N CYS B 153 -2.34 0.93 20.10
CA CYS B 153 -2.63 0.01 21.21
C CYS B 153 -3.89 0.45 21.99
N GLY B 154 -4.68 1.39 21.45
CA GLY B 154 -5.89 1.92 22.11
C GLY B 154 -5.72 3.39 22.45
N LEU B 155 -6.68 3.93 23.21
CA LEU B 155 -6.87 5.40 23.29
C LEU B 155 -5.72 6.09 24.02
N GLY B 156 -4.93 5.33 24.79
CA GLY B 156 -3.78 5.87 25.55
C GLY B 156 -2.48 5.84 24.75
N HIS B 157 -2.54 5.41 23.49
CA HIS B 157 -1.34 5.19 22.63
C HIS B 157 -0.39 6.43 22.56
N GLN B 158 -0.93 7.62 22.29
CA GLN B 158 -0.10 8.84 22.02
C GLN B 158 0.69 9.25 23.29
N ASN B 159 0.28 8.77 24.47
CA ASN B 159 0.93 9.09 25.76
C ASN B 159 1.81 7.95 26.25
N MET B 160 2.03 6.89 25.48
CA MET B 160 2.76 5.71 25.99
C MET B 160 4.27 5.89 25.72
N PHE B 161 5.00 6.31 26.74
CA PHE B 161 6.46 6.59 26.68
C PHE B 161 7.13 5.90 27.84
N GLY B 162 8.43 5.63 27.67
CA GLY B 162 9.30 5.16 28.73
C GLY B 162 10.66 5.80 28.65
N THR B 163 11.54 5.39 29.55
CA THR B 163 12.86 6.04 29.75
C THR B 163 13.93 4.97 29.93
N ILE B 164 15.00 5.08 29.16
CA ILE B 164 16.28 4.36 29.41
C ILE B 164 17.31 5.37 29.91
N VAL B 165 17.95 5.07 31.05
CA VAL B 165 19.07 5.90 31.59
C VAL B 165 20.35 5.07 31.40
N VAL B 166 21.25 5.58 30.57
CA VAL B 166 22.57 4.92 30.35
C VAL B 166 23.61 5.64 31.23
N LYS B 167 24.19 4.93 32.19
CA LYS B 167 25.08 5.50 33.24
C LYS B 167 26.55 5.34 32.80
N GLU B 168 27.35 6.39 32.96
CA GLU B 168 28.82 6.39 32.68
C GLU B 168 29.49 5.25 33.46
N LYS C 4 17.29 7.92 -30.78
CA LYS C 4 17.36 7.38 -29.41
C LYS C 4 16.29 8.06 -28.54
N PRO C 5 15.69 7.34 -27.58
CA PRO C 5 14.68 7.93 -26.69
C PRO C 5 15.34 8.74 -25.56
N LYS C 6 15.89 9.91 -25.93
CA LYS C 6 16.68 10.80 -25.05
C LYS C 6 15.81 11.27 -23.88
N GLY C 7 14.58 11.68 -24.16
CA GLY C 7 13.56 12.11 -23.18
C GLY C 7 13.29 11.01 -22.15
N ALA C 8 13.06 9.76 -22.59
CA ALA C 8 12.85 8.59 -21.71
C ALA C 8 14.14 8.31 -20.90
N LEU C 9 15.32 8.46 -21.50
CA LEU C 9 16.61 8.35 -20.76
C LEU C 9 16.68 9.41 -19.65
N ALA C 10 16.33 10.68 -19.88
CA ALA C 10 16.34 11.74 -18.85
C ALA C 10 15.45 11.34 -17.65
N VAL C 11 14.27 10.75 -17.88
CA VAL C 11 13.31 10.32 -16.80
C VAL C 11 13.98 9.21 -15.96
N ILE C 12 14.57 8.18 -16.57
CA ILE C 12 15.11 7.05 -15.76
C ILE C 12 16.38 7.50 -15.05
N LEU C 13 17.07 8.55 -15.53
CA LEU C 13 18.23 9.14 -14.82
C LEU C 13 17.73 9.78 -13.52
N VAL C 14 16.66 10.57 -13.61
CA VAL C 14 16.08 11.27 -12.42
C VAL C 14 15.57 10.19 -11.44
N LEU C 15 14.88 9.18 -11.93
CA LEU C 15 14.41 8.05 -11.08
C LEU C 15 15.61 7.38 -10.38
N THR C 16 16.70 7.08 -11.12
CA THR C 16 17.91 6.42 -10.58
C THR C 16 18.56 7.28 -9.50
N LEU C 17 18.75 8.55 -9.75
CA LEU C 17 19.33 9.46 -8.72
C LEU C 17 18.41 9.53 -7.48
N THR C 18 17.08 9.50 -7.64
CA THR C 18 16.15 9.61 -6.48
C THR C 18 16.32 8.34 -5.63
N ILE C 19 16.36 7.18 -6.27
CA ILE C 19 16.54 5.87 -5.57
C ILE C 19 17.86 5.93 -4.79
N LEU C 20 18.95 6.40 -5.44
CA LEU C 20 20.29 6.36 -4.82
C LEU C 20 20.34 7.31 -3.61
N VAL C 21 19.82 8.52 -3.72
CA VAL C 21 19.82 9.49 -2.60
C VAL C 21 19.00 8.92 -1.41
N PHE C 22 17.82 8.38 -1.67
CA PHE C 22 16.98 7.78 -0.62
C PHE C 22 17.80 6.69 0.08
N TRP C 23 18.32 5.76 -0.72
CA TRP C 23 18.83 4.47 -0.17
C TRP C 23 20.14 4.73 0.59
N LEU C 24 21.08 5.45 -0.02
CA LEU C 24 22.38 5.75 0.65
C LEU C 24 22.15 6.70 1.81
N GLY C 25 21.19 7.62 1.73
CA GLY C 25 20.90 8.52 2.86
C GLY C 25 20.46 7.72 4.09
N VAL C 26 19.54 6.78 3.93
CA VAL C 26 19.01 5.98 5.07
C VAL C 26 20.09 4.96 5.51
N TYR C 27 20.88 4.39 4.59
CA TYR C 27 22.01 3.49 4.95
C TYR C 27 22.97 4.20 5.92
N ALA C 28 23.24 5.48 5.67
CA ALA C 28 24.11 6.35 6.49
C ALA C 28 23.47 6.54 7.87
N VAL C 29 22.16 6.82 7.87
CA VAL C 29 21.38 7.03 9.12
C VAL C 29 21.49 5.76 9.96
N PHE C 30 21.26 4.59 9.35
CA PHE C 30 21.28 3.28 10.04
C PHE C 30 22.61 3.04 10.79
N PHE C 31 23.75 3.33 10.15
CA PHE C 31 25.09 3.23 10.80
C PHE C 31 25.25 4.31 11.88
N ALA C 32 24.76 5.53 11.69
CA ALA C 32 24.87 6.60 12.69
C ALA C 32 24.13 6.19 13.98
N ARG C 33 23.08 5.35 13.88
CA ARG C 33 22.22 4.94 15.02
C ARG C 33 22.63 3.60 15.61
N GLY C 34 23.63 2.96 15.02
CA GLY C 34 23.97 1.56 15.27
C GLY C 34 24.96 1.42 16.41
CU CU D . 4.11 -4.65 1.07
CHA HEM E . -3.43 7.74 6.90
CHB HEM E . -3.91 12.31 5.28
CHC HEM E . -6.36 10.65 1.44
CHD HEM E . -5.08 6.09 2.60
C1A HEM E . -3.35 9.12 6.75
C2A HEM E . -2.57 9.97 7.59
C3A HEM E . -2.70 11.25 7.13
C4A HEM E . -3.57 11.21 6.02
CMA HEM E . -2.00 12.45 7.73
CAA HEM E . -1.69 9.55 8.77
CBA HEM E . -2.43 9.41 10.06
CGA HEM E . -1.77 8.62 11.17
O1A HEM E . -2.28 8.79 12.34
O2A HEM E . -0.83 7.85 10.96
C1B HEM E . -4.68 12.24 4.10
C2B HEM E . -5.19 13.41 3.41
C3B HEM E . -5.89 12.92 2.33
C4B HEM E . -5.80 11.45 2.42
CMB HEM E . -4.92 14.86 3.78
CAB HEM E . -6.71 13.47 1.24
CBB HEM E . -7.49 14.48 1.42
C1C HEM E . -6.16 9.25 1.33
C2C HEM E . -6.49 8.42 0.23
C3C HEM E . -6.10 7.17 0.57
C4C HEM E . -5.55 7.21 1.89
CMC HEM E . -7.18 8.87 -1.07
CAC HEM E . -6.21 5.86 -0.14
CBC HEM E . -6.75 5.68 -1.31
C1D HEM E . -4.61 6.20 3.94
C2D HEM E . -4.28 5.01 4.75
C3D HEM E . -3.85 5.48 5.96
C4D HEM E . -3.86 6.94 5.85
CMD HEM E . -4.39 3.53 4.29
CAD HEM E . -3.36 4.68 7.13
CBD HEM E . -4.37 4.18 8.12
CGD HEM E . -3.80 3.41 9.28
O1D HEM E . -4.51 2.62 9.96
O2D HEM E . -2.59 3.56 9.63
NA HEM E . -3.92 9.88 5.74
NB HEM E . -5.06 11.14 3.47
NC HEM E . -5.56 8.51 2.30
ND HEM E . -4.36 7.34 4.66
FE HEM E . -4.71 9.15 4.05
FE HAS F . 4.65 0.05 -0.21
CHA HAS F . 4.26 -0.11 3.19
CHB HAS F . 7.58 -1.64 0.02
CHC HAS F . 4.93 0.03 -3.65
CHD HAS F . 1.34 0.96 -0.49
NA HAS F . 3.07 0.42 1.12
C1A HAS F . 3.09 0.28 2.47
C2A HAS F . 1.82 0.58 3.14
C3A HAS F . 0.93 0.87 2.05
C4A HAS F . 1.81 0.71 0.84
CMA HAS F . -0.52 1.22 2.13
OMD HAS F . 9.09 -3.34 2.03
CAA HAS F . 1.52 0.56 4.57
CBA HAS F . 0.90 -0.73 5.08
CGA HAS F . 0.54 -0.43 6.54
O1A HAS F . -0.52 0.21 6.78
O2A HAS F . 1.31 -0.87 7.44
NB HAS F . 6.09 -0.63 -1.61
C1B HAS F . 7.20 -1.27 -1.33
C2B HAS F . 8.03 -1.58 -2.52
C3B HAS F . 7.24 -1.07 -3.61
C4B HAS F . 6.08 -0.51 -2.93
CMB HAS F . 9.32 -2.28 -2.56
NC HAS F . 3.32 0.46 -1.79
C1C HAS F . 3.59 0.39 -3.12
C2C HAS F . 2.44 0.68 -4.00
C3C HAS F . 1.40 0.93 -3.02
C4C HAS F . 2.04 0.77 -1.73
CMC HAS F . 2.50 0.65 -5.53
CAC HAS F . -0.01 1.31 -3.22
CBC HAS F . -0.57 1.43 -4.40
ND HAS F . 5.76 -0.72 1.37
C1D HAS F . 6.90 -1.40 1.27
C2D HAS F . 7.37 -1.90 2.56
C3D HAS F . 6.45 -1.43 3.51
C4D HAS F . 5.48 -0.71 2.68
CMD HAS F . 8.55 -2.74 2.91
CAD HAS F . 6.54 -1.71 4.98
CBD HAS F . 7.31 -0.64 5.71
CGD HAS F . 7.00 -0.66 7.20
O1D HAS F . 7.99 -0.58 7.96
O2D HAS F . 5.80 -0.75 7.58
C11 HAS F . 7.60 -1.12 -5.03
O11 HAS F . 6.62 -1.84 -5.73
C12 HAS F . 7.76 0.31 -5.55
C13 HAS F . 8.39 0.23 -6.98
C14 HAS F . 8.22 1.50 -7.75
C15 HAS F . 9.16 2.10 -8.55
C16 HAS F . 8.85 3.42 -9.21
C17 HAS F . 8.94 3.45 -10.74
C18 HAS F . 8.48 4.82 -11.20
C19 HAS F . 7.52 5.08 -12.10
C20 HAS F . 7.20 6.53 -12.43
C21 HAS F . 7.81 6.97 -13.77
C22 HAS F . 7.36 8.35 -14.20
C23 HAS F . 7.01 8.70 -15.47
C24 HAS F . 6.54 10.14 -15.78
C25 HAS F . 7.01 7.77 -16.57
C26 HAS F . 10.58 1.57 -8.68
C27 HAS F . 6.72 4.03 -12.89
C28 HAS F . 7.35 10.83 -16.86
C29 HAS F . 6.52 11.94 -17.43
C30 HAS F . 6.96 13.17 -17.65
C31 HAS F . 6.05 14.17 -18.25
C32 HAS F . 8.37 13.59 -17.27
C10 OLC G . -0.31 26.25 -3.19
C9 OLC G . -0.99 26.22 -4.32
C11 OLC G . 0.60 27.32 -2.69
C8 OLC G . -0.99 27.25 -5.41
C24 OLC G . -1.45 22.77 -16.77
C16 OLC G . 5.46 29.75 -3.49
C12 OLC G . 2.06 26.95 -2.75
C7 OLC G . -2.06 27.03 -6.45
C15 OLC G . 4.94 28.49 -2.84
C13 OLC G . 2.94 27.47 -1.62
C6 OLC G . -1.61 26.25 -7.67
C14 OLC G . 3.75 28.71 -1.94
C5 OLC G . -2.69 25.93 -8.70
C4 OLC G . -2.10 25.54 -10.04
C3 OLC G . -3.09 25.17 -11.14
C2 OLC G . -2.36 24.94 -12.44
C21 OLC G . -3.27 24.36 -15.95
C1 OLC G . -3.25 24.62 -13.60
C22 OLC G . -2.26 24.03 -17.03
O19 OLC G . -4.43 24.38 -13.53
O25 OLC G . -2.22 21.57 -16.83
O23 OLC G . -2.96 23.86 -18.26
O20 OLC G . -2.55 24.57 -14.71
C10 OLC H . -26.22 -13.50 9.76
C9 OLC H . -25.86 -13.09 10.95
C11 OLC H . -26.88 -12.66 8.71
C8 OLC H . -25.23 -13.92 12.03
C24 OLC H . -18.97 -12.25 22.47
C7 OLC H . -25.90 -13.77 13.35
C6 OLC H . -25.05 -14.22 14.54
C5 OLC H . -25.57 -13.76 15.87
C4 OLC H . -24.62 -13.97 17.02
C3 OLC H . -24.82 -13.00 18.17
C2 OLC H . -24.05 -13.37 19.40
C21 OLC H . -20.88 -12.05 20.81
C1 OLC H . -22.64 -12.84 19.42
C22 OLC H . -20.11 -12.96 21.74
O19 OLC H . -21.95 -12.69 18.44
O25 OLC H . -17.82 -12.11 21.64
O23 OLC H . -21.01 -13.55 22.69
O20 OLC H . -22.22 -12.55 20.66
C10 OLC I . -30.83 -8.83 1.32
C9 OLC I . -30.76 -8.57 0.02
C8 OLC I . -31.77 -7.81 -0.81
C24 OLC I . -31.10 -3.42 -11.32
C7 OLC I . -32.00 -8.42 -2.17
C6 OLC I . -31.97 -7.44 -3.34
C5 OLC I . -32.92 -7.81 -4.47
C4 OLC I . -32.89 -6.88 -5.68
C3 OLC I . -32.14 -7.43 -6.90
C2 OLC I . -32.46 -6.70 -8.18
C21 OLC I . -29.68 -4.89 -9.85
C1 OLC I . -31.28 -6.53 -9.13
C22 OLC I . -30.04 -3.47 -10.24
O19 OLC I . -30.99 -7.28 -10.02
O25 OLC I . -31.27 -2.10 -11.83
O23 OLC I . -30.45 -2.72 -9.11
O20 OLC I . -30.61 -5.40 -8.87
C8 OLC J . -14.34 -19.07 -7.19
C24 OLC J . -6.63 -23.22 -15.53
C7 OLC J . -13.27 -18.28 -7.90
C6 OLC J . -12.54 -19.04 -9.01
C5 OLC J . -11.04 -18.90 -9.00
C4 OLC J . -10.32 -19.89 -9.89
C3 OLC J . -8.84 -19.62 -10.08
C2 OLC J . -8.05 -20.87 -10.34
C21 OLC J . -6.76 -22.66 -13.06
C1 OLC J . -8.32 -21.49 -11.70
C22 OLC J . -6.07 -22.39 -14.39
O19 OLC J . -9.37 -21.97 -12.02
O25 OLC J . -6.68 -22.46 -16.75
O23 OLC J . -6.15 -21.01 -14.71
O20 OLC J . -7.26 -21.41 -12.50
C10 OLC K . 5.46 28.75 3.82
C9 OLC K . 6.28 28.17 4.67
C11 OLC K . 5.79 29.15 2.41
C8 OLC K . 7.74 27.90 4.46
C24 OLC K . 11.09 29.01 15.06
C7 OLC K . 8.43 27.18 5.58
C6 OLC K . 8.31 27.87 6.93
C5 OLC K . 9.26 27.36 8.00
C4 OLC K . 9.67 28.42 9.01
C3 OLC K . 9.65 27.99 10.46
C2 OLC K . 8.27 27.96 11.00
C21 OLC K . 10.15 27.06 13.70
C1 OLC K . 8.18 27.65 12.49
C22 OLC K . 10.74 27.53 15.01
O19 OLC K . 7.22 27.14 13.02
O25 OLC K . 11.49 29.44 16.36
O23 OLC K . 9.85 27.20 16.07
O20 OLC K . 9.27 28.07 13.15
C8 OLC L . 1.67 29.17 4.51
C24 OLC L . 3.30 28.12 16.62
C7 OLC L . 1.79 28.28 5.70
C6 OLC L . 0.47 27.96 6.41
C5 OLC L . 0.63 27.26 7.75
C4 OLC L . 0.78 28.19 8.95
C3 OLC L . 0.44 27.56 10.31
C2 OLC L . 1.60 26.79 10.90
C21 OLC L . 2.22 27.22 14.52
C1 OLC L . 1.46 26.53 12.38
C22 OLC L . 3.19 28.22 15.11
O19 OLC L . 0.64 25.82 12.88
O25 OLC L . 4.29 29.01 17.12
O23 OLC L . 4.48 28.06 14.52
O20 OLC L . 2.37 27.20 13.08
C10 OLC M . -17.89 -17.71 7.24
C9 OLC M . -18.25 -18.38 8.33
C11 OLC M . -18.57 -16.49 6.69
C8 OLC M . -17.46 -19.47 9.00
C24 OLC M . -13.60 -24.60 19.84
C12 OLC M . -18.13 -16.09 5.30
C7 OLC M . -17.78 -19.63 10.47
C13 OLC M . -19.28 -15.70 4.39
C6 OLC M . -16.76 -20.43 11.25
C5 OLC M . -17.32 -21.57 12.11
C4 OLC M . -16.32 -22.65 12.42
C3 OLC M . -16.71 -23.57 13.58
C2 OLC M . -16.01 -23.22 14.88
C21 OLC M . -15.38 -25.02 18.08
C1 OLC M . -16.16 -24.28 15.94
C22 OLC M . -13.96 -25.26 18.53
O19 OLC M . -16.85 -25.25 15.81
O25 OLC M . -12.30 -25.00 20.29
O23 OLC M . -13.73 -26.66 18.67
O20 OLC M . -15.41 -24.03 17.03
C10 OLC N . 6.08 20.55 -9.51
C9 OLC N . 5.47 20.63 -10.67
C11 OLC N . 5.48 20.96 -8.19
C8 OLC N . 6.10 20.54 -12.03
C24 OLC N . 1.68 25.42 -22.57
C12 OLC N . 6.44 20.88 -7.01
C7 OLC N . 5.36 19.64 -12.98
C13 OLC N . 5.75 20.84 -5.65
C6 OLC N . 6.04 19.42 -14.33
C14 OLC N . 6.50 21.52 -4.51
C5 OLC N . 5.10 19.39 -15.53
C4 OLC N . 4.58 20.74 -15.97
C3 OLC N . 4.52 20.94 -17.46
C2 OLC N . 3.55 22.00 -17.87
C21 OLC N . 2.75 23.71 -21.04
C1 OLC N . 3.75 22.49 -19.26
C22 OLC N . 1.92 24.97 -21.14
O19 OLC N . 4.73 22.24 -19.93
O25 OLC N . 2.77 25.08 -23.42
O23 OLC N . 0.66 24.80 -20.48
O20 OLC N . 2.72 23.24 -19.68
C18 OLC O . -26.63 -7.29 10.45
C10 OLC O . -23.86 -2.71 18.00
C17 OLC O . -26.72 -6.26 11.57
C11 OLC O . -23.56 -1.93 16.75
C16 OLC O . -25.38 -5.76 12.03
C12 OLC O . -24.37 -2.37 15.56
C15 OLC O . -25.35 -5.17 13.43
C13 OLC O . -23.94 -3.70 14.96
C14 OLC O . -24.45 -3.97 13.58
C18 OLC P . -25.19 3.85 -7.41
C10 OLC P . -22.41 5.29 0.82
C17 OLC P . -25.75 4.39 -6.12
C11 OLC P . -23.29 4.72 -0.26
C16 OLC P . -25.20 3.71 -4.90
C12 OLC P . -24.77 4.67 0.10
C15 OLC P . -25.96 3.94 -3.60
C13 OLC P . -25.73 4.41 -1.07
C14 OLC P . -25.06 4.32 -2.44
C CMO Q . 3.94 -1.74 -0.23
O CMO Q . 3.35 -2.54 0.42
C10 OLC R . 19.82 -16.40 1.89
C9 OLC R . 20.31 -16.47 3.11
C17 OLC R . 16.83 -15.92 -4.88
C11 OLC R . 20.07 -15.34 0.87
C8 OLC R . 20.94 -15.38 3.93
C16 OLC R . 16.19 -16.45 -3.62
C12 OLC R . 19.01 -15.29 -0.19
C7 OLC R . 20.33 -15.25 5.31
C15 OLC R . 16.89 -16.03 -2.33
C13 OLC R . 19.27 -16.14 -1.42
C6 OLC R . 21.33 -15.01 6.44
C14 OLC R . 18.07 -16.91 -1.93
C5 OLC R . 20.69 -14.62 7.77
C4 OLC R . 21.68 -14.25 8.84
C3 OLC R . 21.09 -13.40 9.96
C2 OLC R . 21.64 -13.74 11.33
C21 OLC R . 20.79 -11.65 14.25
C1 OLC R . 21.74 -12.55 12.27
O19 OLC R . 22.28 -11.51 11.99
O20 OLC R . 21.20 -12.80 13.47
CU1 CUA S . 0.73 2.31 21.34
CU2 CUA S . 1.40 0.84 23.34
C18 OLC T . 32.19 -2.53 -13.06
C10 OLC T . 29.68 -1.29 -4.02
C9 OLC T . 29.73 -1.45 -2.73
C17 OLC T . 32.55 -2.43 -11.58
C11 OLC T . 30.48 -2.05 -5.03
C8 OLC T . 30.75 -2.25 -1.98
C24 OLC T . 31.18 0.13 9.22
C16 OLC T . 32.07 -3.59 -10.74
C12 OLC T . 30.22 -1.67 -6.45
C7 OLC T . 30.20 -2.90 -0.75
C15 OLC T . 32.22 -3.43 -9.24
C13 OLC T . 30.52 -2.77 -7.46
C6 OLC T . 31.25 -3.23 0.31
C14 OLC T . 31.39 -2.35 -8.63
C5 OLC T . 30.75 -3.12 1.73
C4 OLC T . 31.54 -2.18 2.61
C3 OLC T . 30.68 -1.41 3.60
C2 OLC T . 31.49 -0.48 4.46
C21 OLC T . 31.00 1.74 7.29
C1 OLC T . 30.66 0.40 5.36
C22 OLC T . 30.54 1.39 8.68
O19 OLC T . 29.65 0.97 5.04
O25 OLC T . 31.01 0.01 10.63
O23 OLC T . 30.83 2.51 9.53
O20 OLC T . 31.20 0.49 6.57
C10 OLC U . 21.50 4.07 -15.92
C9 OLC U . 21.21 3.55 -17.10
C17 OLC U . 25.76 7.71 -10.37
C11 OLC U . 21.28 5.48 -15.46
C8 OLC U . 20.84 4.29 -18.34
C24 OLC U . 22.05 2.01 -30.22
C16 OLC U . 24.79 7.06 -11.33
C12 OLC U . 22.55 6.24 -15.26
C7 OLC U . 20.52 3.39 -19.51
C15 OLC U . 24.29 7.98 -12.42
C13 OLC U . 23.10 6.21 -13.84
C6 OLC U . 21.73 2.92 -20.31
C14 OLC U . 23.01 7.53 -13.09
C5 OLC U . 21.40 2.31 -21.64
C4 OLC U . 22.60 1.98 -22.50
C3 OLC U . 22.36 0.88 -23.54
C2 OLC U . 22.87 1.22 -24.90
C21 OLC U . 22.59 0.44 -28.33
C1 OLC U . 22.27 0.38 -25.98
C22 OLC U . 21.65 0.76 -29.47
O19 OLC U . 21.94 -0.77 -25.84
O25 OLC U . 21.02 2.44 -31.11
O23 OLC U . 21.62 -0.35 -30.36
O20 OLC U . 22.10 1.05 -27.12
C10 OLC V . 14.35 12.83 1.11
C9 OLC V . 15.35 12.01 1.22
C17 OLC V . 9.25 14.75 -3.26
C11 OLC V . 13.12 12.86 1.96
C8 OLC V . 15.60 11.07 2.35
C24 OLC V . 23.53 10.68 9.00
C16 OLC V . 8.43 14.41 -2.05
C12 OLC V . 12.06 13.76 1.42
C7 OLC V . 17.04 10.62 2.43
C15 OLC V . 9.08 13.44 -1.07
C13 OLC V . 11.05 13.08 0.52
C6 OLC V . 17.63 10.57 3.82
C14 OLC V . 10.11 14.06 -0.17
C5 OLC V . 18.21 11.89 4.31
C4 OLC V . 19.19 11.81 5.47
C3 OLC V . 20.56 12.43 5.17
C2 OLC V . 21.64 11.95 6.11
C21 OLC V . 24.53 12.19 7.24
C1 OLC V . 23.02 11.82 5.47
C22 OLC V . 24.74 11.47 8.56
O19 OLC V . 23.33 12.14 4.35
O25 OLC V . 23.62 10.34 10.39
O23 OLC V . 25.86 10.61 8.43
O20 OLC V . 23.89 11.29 6.33
C8 OLC W . 14.79 16.46 4.77
C24 OLC W . 21.85 11.33 14.13
C7 OLC W . 14.98 15.51 5.94
C6 OLC W . 16.39 15.47 6.53
C5 OLC W . 16.46 15.14 8.02
C4 OLC W . 17.46 14.04 8.35
C3 OLC W . 17.61 13.73 9.84
C2 OLC W . 18.70 12.74 10.11
C21 OLC W . 20.66 10.94 11.93
C1 OLC W . 18.77 12.31 11.56
C22 OLC W . 20.96 10.41 13.33
O19 OLC W . 17.81 12.08 12.24
O25 OLC W . 23.20 10.84 14.18
O23 OLC W . 19.74 10.18 14.03
O20 OLC W . 20.03 12.23 12.00
#